data_8BIZ
#
_entry.id   8BIZ
#
_cell.length_a   158.346
_cell.length_b   158.346
_cell.length_c   94.213
_cell.angle_alpha   90.00
_cell.angle_beta   90.00
_cell.angle_gamma   120.00
#
_symmetry.space_group_name_H-M   'P 3 2 1'
#
loop_
_entity.id
_entity.type
_entity.pdbx_description
1 polymer 'Cystathionine beta-lyase, putative'
2 non-polymer "PYRIDOXAL-5'-PHOSPHATE"
3 non-polymer CYSTEINE
4 water water
#
_entity_poly.entity_id   1
_entity_poly.type   'polypeptide(L)'
_entity_poly.pdbx_seq_one_letter_code
;MASKQNDKDGAVRRDASFECGVKAGDWLPGFTPREETVYVHGGVEPDPLTGAILPPIYQNTTFVQESVENYLSKGFSYSR
TSNPTVLSLEKKIAEIEGGFGACCFATGMAATVTIFSAFLAPGDHCLVTNCSYGGTNRCARLHFSKYNIDFEFIDFRDPT
NVEKAIRPQTKVVFSESPCNPTLYLADIEAISQICKEKKVLHVCDSTFATPYMMRPLDLGADIVVQSTTKYYDGHNCTLG
GAVISSTKEIHDKVFFLRNVMGNIMSAQTAFYTLLTLKTLPIRVEKQSANAQKIAEFLSKHHKVEHVIYPGIPSFPQKEL
ALKQHKNVHGGMLAFEVKGGTEAGIRMMNHVPRPWSLCESLGACESIITCPAVFTHANMLREDRLKVGITDGFIRVSVGI
EDVNDLIDGLDYALSKA
;
_entity_poly.pdbx_strand_id   E,A
#
# COMPACT_ATOMS: atom_id res chain seq x y z
N LYS A 23 -2.76 2.09 -40.89
CA LYS A 23 -1.63 1.17 -41.12
C LYS A 23 -1.50 0.15 -39.99
N ALA A 24 -0.51 -0.74 -40.13
CA ALA A 24 -0.23 -1.72 -39.10
C ALA A 24 0.20 -1.01 -37.82
N GLY A 25 -0.38 -1.44 -36.69
CA GLY A 25 -0.11 -0.84 -35.40
C GLY A 25 -1.11 0.20 -34.95
N ASP A 26 -2.08 0.54 -35.78
CA ASP A 26 -3.10 1.54 -35.48
C ASP A 26 -4.45 0.85 -35.31
N TRP A 27 -5.24 1.30 -34.35
CA TRP A 27 -6.67 1.01 -34.38
C TRP A 27 -7.31 1.82 -35.51
N LEU A 28 -8.29 1.26 -36.20
CA LEU A 28 -8.98 2.03 -37.22
C LEU A 28 -9.75 3.17 -36.54
N PRO A 29 -9.57 4.43 -36.95
CA PRO A 29 -10.28 5.52 -36.30
C PRO A 29 -11.79 5.39 -36.45
N GLY A 30 -12.52 5.73 -35.39
CA GLY A 30 -13.97 5.69 -35.41
C GLY A 30 -14.58 4.37 -34.98
N PHE A 31 -13.76 3.35 -34.74
CA PHE A 31 -14.24 2.05 -34.28
C PHE A 31 -13.90 1.87 -32.81
N THR A 32 -14.77 1.18 -32.08
CA THR A 32 -14.52 0.80 -30.69
C THR A 32 -14.34 -0.70 -30.59
N PRO A 33 -13.25 -1.18 -29.98
CA PRO A 33 -13.08 -2.64 -29.83
C PRO A 33 -14.24 -3.25 -29.06
N ARG A 34 -14.55 -4.50 -29.39
CA ARG A 34 -15.59 -5.23 -28.68
C ARG A 34 -15.04 -5.75 -27.35
N GLU A 35 -15.94 -6.30 -26.53
CA GLU A 35 -15.66 -6.58 -25.13
C GLU A 35 -14.37 -7.37 -24.89
N GLU A 36 -14.28 -8.57 -25.46
CA GLU A 36 -13.12 -9.44 -25.19
C GLU A 36 -11.82 -8.85 -25.71
N THR A 37 -11.89 -8.12 -26.83
CA THR A 37 -10.71 -7.43 -27.32
C THR A 37 -10.16 -6.44 -26.28
N VAL A 38 -11.03 -5.75 -25.55
CA VAL A 38 -10.55 -4.78 -24.56
C VAL A 38 -9.80 -5.49 -23.43
N TYR A 39 -10.31 -6.66 -23.00
CA TYR A 39 -9.59 -7.42 -21.98
C TYR A 39 -8.20 -7.81 -22.47
N VAL A 40 -8.07 -8.13 -23.75
CA VAL A 40 -6.75 -8.53 -24.25
C VAL A 40 -5.83 -7.31 -24.39
N HIS A 41 -6.32 -6.21 -24.97
CA HIS A 41 -5.46 -5.13 -25.45
C HIS A 41 -5.70 -3.77 -24.80
N GLY A 42 -6.79 -3.62 -24.07
CA GLY A 42 -7.17 -2.32 -23.54
C GLY A 42 -6.03 -1.68 -22.76
N GLY A 43 -5.89 -0.38 -22.89
CA GLY A 43 -4.89 0.35 -22.14
C GLY A 43 -3.44 0.05 -22.47
N VAL A 44 -3.16 -0.74 -23.49
CA VAL A 44 -1.78 -1.12 -23.78
C VAL A 44 -1.52 -1.05 -25.27
N GLU A 45 -0.34 -0.58 -25.63
CA GLU A 45 0.13 -0.62 -27.01
C GLU A 45 1.56 -1.06 -26.99
N PRO A 46 2.10 -1.58 -28.10
CA PRO A 46 3.49 -2.00 -28.13
C PRO A 46 4.40 -0.86 -27.70
N ASP A 47 5.45 -1.21 -26.96
CA ASP A 47 6.43 -0.24 -26.48
C ASP A 47 6.95 0.59 -27.65
N PRO A 48 6.83 1.92 -27.58
CA PRO A 48 7.28 2.75 -28.71
C PRO A 48 8.77 2.62 -29.00
N LEU A 49 9.57 2.37 -27.96
CA LEU A 49 11.02 2.33 -28.12
C LEU A 49 11.48 1.08 -28.86
N THR A 50 10.92 -0.09 -28.50
CA THR A 50 11.41 -1.39 -28.97
C THR A 50 10.36 -2.18 -29.75
N GLY A 51 9.09 -1.81 -29.64
CA GLY A 51 8.01 -2.62 -30.17
C GLY A 51 7.56 -3.78 -29.31
N ALA A 52 8.14 -3.97 -28.12
CA ALA A 52 7.72 -5.06 -27.23
C ALA A 52 6.21 -5.13 -27.12
N ILE A 53 5.66 -6.33 -27.34
CA ILE A 53 4.20 -6.46 -27.42
C ILE A 53 3.57 -6.26 -26.06
N LEU A 54 4.30 -6.62 -24.97
CA LEU A 54 3.84 -6.34 -23.62
C LEU A 54 4.56 -5.11 -23.06
N PRO A 55 3.94 -4.36 -22.15
CA PRO A 55 4.63 -3.21 -21.59
C PRO A 55 5.75 -3.67 -20.69
N PRO A 56 6.92 -3.05 -20.77
CA PRO A 56 8.02 -3.43 -19.87
C PRO A 56 7.65 -3.16 -18.42
N ILE A 57 8.29 -3.88 -17.51
CA ILE A 57 8.07 -3.66 -16.08
C ILE A 57 9.00 -2.55 -15.62
N TYR A 58 8.42 -1.43 -15.17
CA TYR A 58 9.20 -0.31 -14.66
C TYR A 58 9.44 -0.54 -13.17
N GLN A 59 10.37 -1.44 -12.90
CA GLN A 59 10.81 -1.78 -11.55
C GLN A 59 11.85 -0.73 -11.15
N ASN A 60 11.35 0.45 -10.81
N ASN A 60 11.39 0.48 -10.87
CA ASN A 60 12.15 1.65 -10.83
CA ASN A 60 12.28 1.59 -10.53
C ASN A 60 11.48 2.71 -9.96
C ASN A 60 11.49 2.64 -9.75
N THR A 61 12.25 3.32 -9.05
N THR A 61 12.19 3.35 -8.88
CA THR A 61 11.69 4.24 -8.07
CA THR A 61 11.52 4.33 -8.03
C THR A 61 11.52 5.65 -8.63
C THR A 61 11.48 5.73 -8.63
N THR A 62 12.56 6.17 -9.29
CA THR A 62 12.61 7.56 -9.71
C THR A 62 12.93 7.70 -11.18
N PHE A 63 12.64 8.89 -11.71
CA PHE A 63 12.68 9.14 -13.13
C PHE A 63 13.46 10.43 -13.37
N VAL A 64 14.45 10.35 -14.25
CA VAL A 64 15.35 11.47 -14.51
C VAL A 64 14.62 12.51 -15.34
N GLN A 65 14.85 13.79 -15.01
CA GLN A 65 14.22 14.92 -15.67
C GLN A 65 15.20 15.58 -16.63
N GLU A 66 14.69 16.04 -17.78
CA GLU A 66 15.56 16.62 -18.80
C GLU A 66 16.18 17.93 -18.32
N SER A 67 15.41 18.73 -17.59
CA SER A 67 15.89 20.01 -17.09
C SER A 67 14.92 20.48 -16.03
N VAL A 68 15.28 21.58 -15.36
CA VAL A 68 14.35 22.16 -14.38
C VAL A 68 13.10 22.66 -15.07
N GLU A 69 13.19 23.10 -16.33
CA GLU A 69 12.02 23.65 -17.03
C GLU A 69 11.14 22.54 -17.61
N ASN A 70 11.74 21.49 -18.18
CA ASN A 70 10.96 20.36 -18.68
C ASN A 70 10.76 19.30 -17.60
N TYR A 71 10.43 19.74 -16.39
CA TYR A 71 10.09 18.84 -15.30
C TYR A 71 8.73 18.22 -15.55
N LEU A 72 8.64 16.90 -15.37
CA LEU A 72 7.43 16.12 -15.66
C LEU A 72 7.06 16.15 -17.13
N SER A 73 8.01 16.51 -18.01
CA SER A 73 7.70 16.57 -19.44
C SER A 73 7.42 15.18 -20.00
N LYS A 74 8.05 14.13 -19.44
CA LYS A 74 7.80 12.78 -19.89
C LYS A 74 6.76 12.05 -19.04
N GLY A 75 6.16 12.75 -18.07
CA GLY A 75 4.99 12.26 -17.38
C GLY A 75 5.23 11.60 -16.04
N PHE A 76 6.48 11.36 -15.64
CA PHE A 76 6.72 10.60 -14.41
C PHE A 76 7.82 11.28 -13.60
N SER A 77 7.78 11.04 -12.29
CA SER A 77 8.80 11.60 -11.39
C SER A 77 9.15 10.61 -10.28
N TYR A 78 8.15 9.90 -9.74
CA TYR A 78 8.34 9.09 -8.55
C TYR A 78 7.25 8.04 -8.46
N SER A 79 7.64 6.77 -8.30
CA SER A 79 6.70 5.66 -8.47
C SER A 79 5.66 5.58 -7.36
N ARG A 80 5.83 6.28 -6.24
CA ARG A 80 4.72 6.33 -5.28
C ARG A 80 3.55 7.14 -5.83
N THR A 81 3.85 8.10 -6.71
CA THR A 81 2.81 8.98 -7.25
C THR A 81 2.17 8.37 -8.50
N SER A 82 3.01 7.87 -9.41
CA SER A 82 2.55 7.19 -10.61
C SER A 82 3.71 6.43 -11.19
N ASN A 83 3.41 5.30 -11.83
CA ASN A 83 4.40 4.44 -12.45
C ASN A 83 3.85 3.99 -13.80
N PRO A 84 4.71 3.87 -14.83
CA PRO A 84 4.18 3.60 -16.18
C PRO A 84 3.44 2.27 -16.32
N THR A 85 3.94 1.21 -15.67
CA THR A 85 3.24 -0.07 -15.74
C THR A 85 1.89 0.01 -15.05
N VAL A 86 1.86 0.62 -13.87
CA VAL A 86 0.61 0.79 -13.12
C VAL A 86 -0.36 1.61 -13.95
N LEU A 87 0.13 2.68 -14.58
CA LEU A 87 -0.74 3.53 -15.39
C LEU A 87 -1.33 2.77 -16.58
N SER A 88 -0.54 1.89 -17.23
CA SER A 88 -1.12 1.08 -18.30
C SER A 88 -2.26 0.21 -17.77
N LEU A 89 -2.06 -0.42 -16.61
CA LEU A 89 -3.13 -1.23 -16.03
C LEU A 89 -4.36 -0.37 -15.71
N GLU A 90 -4.13 0.84 -15.20
CA GLU A 90 -5.23 1.73 -14.86
C GLU A 90 -6.06 2.10 -16.09
N LYS A 91 -5.38 2.35 -17.21
CA LYS A 91 -6.08 2.66 -18.44
C LYS A 91 -6.92 1.47 -18.90
N LYS A 92 -6.35 0.26 -18.83
CA LYS A 92 -7.12 -0.94 -19.15
C LYS A 92 -8.35 -1.06 -18.26
N ILE A 93 -8.17 -0.96 -16.94
CA ILE A 93 -9.28 -1.13 -16.01
C ILE A 93 -10.36 -0.10 -16.26
N ALA A 94 -9.97 1.16 -16.48
CA ALA A 94 -10.97 2.20 -16.76
C ALA A 94 -11.77 1.86 -18.02
N GLU A 95 -11.11 1.32 -19.05
CA GLU A 95 -11.83 0.94 -20.27
C GLU A 95 -12.79 -0.21 -20.00
N ILE A 96 -12.33 -1.21 -19.25
CA ILE A 96 -13.15 -2.40 -18.98
C ILE A 96 -14.38 -2.02 -18.16
N GLU A 97 -14.21 -1.13 -17.17
CA GLU A 97 -15.31 -0.79 -16.28
C GLU A 97 -16.17 0.36 -16.82
N GLY A 98 -15.72 1.05 -17.86
CA GLY A 98 -16.50 2.15 -18.42
C GLY A 98 -16.41 3.43 -17.59
N GLY A 99 -15.20 3.78 -17.17
CA GLY A 99 -14.99 4.93 -16.31
C GLY A 99 -14.09 5.96 -16.97
N PHE A 100 -14.02 7.15 -16.35
CA PHE A 100 -13.09 8.17 -16.81
C PHE A 100 -11.65 7.75 -16.55
N GLY A 101 -11.37 7.28 -15.34
CA GLY A 101 -10.03 6.84 -15.01
C GLY A 101 -10.09 5.86 -13.84
N ALA A 102 -8.95 5.22 -13.58
CA ALA A 102 -8.83 4.32 -12.46
C ALA A 102 -7.53 4.59 -11.72
N CYS A 103 -7.53 4.25 -10.44
CA CYS A 103 -6.35 4.29 -9.58
C CYS A 103 -6.16 2.88 -9.02
N CYS A 104 -4.93 2.38 -9.07
CA CYS A 104 -4.62 1.02 -8.58
C CYS A 104 -3.88 1.08 -7.24
N PHE A 105 -4.19 0.12 -6.38
CA PHE A 105 -3.78 0.12 -4.98
C PHE A 105 -3.16 -1.23 -4.62
N ALA A 106 -2.44 -1.22 -3.50
CA ALA A 106 -1.77 -2.43 -3.00
C ALA A 106 -2.76 -3.56 -2.72
N THR A 107 -3.99 -3.22 -2.30
CA THR A 107 -5.05 -4.18 -1.98
C THR A 107 -6.43 -3.58 -2.26
N GLY A 108 -7.44 -4.45 -2.31
CA GLY A 108 -8.81 -3.98 -2.31
C GLY A 108 -9.16 -3.15 -1.09
N MET A 109 -8.69 -3.57 0.09
CA MET A 109 -8.96 -2.80 1.31
C MET A 109 -8.35 -1.39 1.21
N ALA A 110 -7.18 -1.27 0.57
CA ALA A 110 -6.59 0.07 0.40
C ALA A 110 -7.47 0.95 -0.50
N ALA A 111 -8.04 0.38 -1.55
CA ALA A 111 -8.98 1.15 -2.37
C ALA A 111 -10.18 1.62 -1.56
N THR A 112 -10.76 0.71 -0.76
CA THR A 112 -11.94 1.04 0.05
C THR A 112 -11.61 2.12 1.08
N VAL A 113 -10.51 1.94 1.81
CA VAL A 113 -10.18 2.92 2.85
C VAL A 113 -9.78 4.25 2.22
N THR A 114 -9.26 4.25 0.99
CA THR A 114 -9.01 5.52 0.33
C THR A 114 -10.32 6.23 -0.01
N ILE A 115 -11.35 5.47 -0.40
CA ILE A 115 -12.67 6.09 -0.59
C ILE A 115 -13.15 6.73 0.71
N PHE A 116 -13.14 5.96 1.81
CA PHE A 116 -13.59 6.51 3.08
C PHE A 116 -12.75 7.72 3.52
N SER A 117 -11.43 7.66 3.29
CA SER A 117 -10.55 8.77 3.67
C SER A 117 -10.82 10.03 2.86
N ALA A 118 -11.11 9.88 1.56
CA ALA A 118 -11.24 11.04 0.71
C ALA A 118 -12.59 11.71 0.84
N PHE A 119 -13.66 10.94 1.06
CA PHE A 119 -14.99 11.50 0.86
C PHE A 119 -15.80 11.67 2.13
N LEU A 120 -15.21 11.44 3.30
CA LEU A 120 -15.92 11.55 4.58
C LEU A 120 -15.09 12.37 5.55
N ALA A 121 -15.77 13.14 6.40
CA ALA A 121 -15.14 14.01 7.38
C ALA A 121 -16.00 14.00 8.63
N PRO A 122 -15.48 14.48 9.77
CA PRO A 122 -16.27 14.45 11.01
C PRO A 122 -17.64 15.09 10.82
N GLY A 123 -18.67 14.41 11.32
CA GLY A 123 -20.03 14.86 11.18
C GLY A 123 -20.77 14.23 10.00
N ASP A 124 -20.05 13.69 9.01
CA ASP A 124 -20.70 13.12 7.86
C ASP A 124 -21.33 11.77 8.19
N HIS A 125 -22.25 11.37 7.33
CA HIS A 125 -23.00 10.13 7.46
C HIS A 125 -22.71 9.26 6.24
N CYS A 126 -22.63 7.95 6.46
CA CYS A 126 -22.30 6.98 5.40
C CYS A 126 -23.23 5.78 5.54
N LEU A 127 -23.97 5.47 4.47
CA LEU A 127 -24.80 4.27 4.43
C LEU A 127 -24.02 3.13 3.81
N VAL A 128 -23.99 2.00 4.49
CA VAL A 128 -23.22 0.83 4.08
C VAL A 128 -24.14 -0.38 4.14
N THR A 129 -24.04 -1.24 3.13
CA THR A 129 -24.87 -2.44 3.11
C THR A 129 -24.52 -3.32 4.31
N ASN A 130 -25.54 -3.83 4.99
CA ASN A 130 -25.29 -4.54 6.24
C ASN A 130 -24.64 -5.90 6.02
N CYS A 131 -24.76 -6.48 4.82
CA CYS A 131 -24.06 -7.71 4.48
C CYS A 131 -22.82 -7.43 3.64
N SER A 132 -22.09 -6.36 3.97
CA SER A 132 -20.86 -6.01 3.27
C SER A 132 -19.77 -7.04 3.57
N TYR A 133 -18.75 -7.04 2.74
CA TYR A 133 -17.56 -7.82 3.04
C TYR A 133 -17.04 -7.42 4.42
N GLY A 134 -16.69 -8.43 5.22
CA GLY A 134 -16.29 -8.23 6.61
C GLY A 134 -15.27 -7.13 6.84
N GLY A 135 -14.26 -7.05 5.97
CA GLY A 135 -13.24 -6.05 6.13
C GLY A 135 -13.78 -4.63 5.98
N THR A 136 -14.65 -4.42 4.99
CA THR A 136 -15.27 -3.11 4.80
C THR A 136 -16.03 -2.71 6.06
N ASN A 137 -16.90 -3.60 6.53
CA ASN A 137 -17.66 -3.41 7.76
C ASN A 137 -16.73 -3.06 8.93
N ARG A 138 -15.66 -3.83 9.11
CA ARG A 138 -14.79 -3.59 10.26
C ARG A 138 -14.02 -2.26 10.11
N CYS A 139 -13.48 -1.96 8.93
CA CYS A 139 -12.72 -0.72 8.81
C CYS A 139 -13.64 0.48 9.03
N ALA A 140 -14.93 0.34 8.72
CA ALA A 140 -15.88 1.39 9.09
C ALA A 140 -16.07 1.48 10.60
N ARG A 141 -16.47 0.35 11.22
CA ARG A 141 -16.90 0.37 12.62
C ARG A 141 -15.73 0.65 13.57
N LEU A 142 -14.60 0.00 13.34
CA LEU A 142 -13.49 0.00 14.28
C LEU A 142 -12.53 1.15 14.05
N HIS A 143 -12.48 1.71 12.84
CA HIS A 143 -11.48 2.74 12.60
C HIS A 143 -12.07 4.11 12.28
N PHE A 144 -12.73 4.23 11.13
CA PHE A 144 -13.19 5.55 10.70
C PHE A 144 -14.24 6.13 11.65
N SER A 145 -14.97 5.28 12.38
CA SER A 145 -15.95 5.79 13.33
C SER A 145 -15.30 6.61 14.45
N LYS A 146 -14.02 6.40 14.71
CA LYS A 146 -13.35 7.23 15.72
C LYS A 146 -13.11 8.66 15.25
N TYR A 147 -13.35 8.97 13.98
CA TYR A 147 -13.28 10.35 13.50
C TYR A 147 -14.64 11.04 13.56
N ASN A 148 -15.58 10.51 14.34
CA ASN A 148 -16.93 11.08 14.47
C ASN A 148 -17.66 11.05 13.13
N ILE A 149 -17.44 9.98 12.37
CA ILE A 149 -18.18 9.69 11.14
C ILE A 149 -19.23 8.66 11.50
N ASP A 150 -20.48 8.90 11.08
CA ASP A 150 -21.61 8.06 11.45
C ASP A 150 -21.86 7.06 10.33
N PHE A 151 -21.52 5.79 10.56
CA PHE A 151 -21.80 4.71 9.63
C PHE A 151 -23.09 4.01 10.06
N GLU A 152 -24.01 3.81 9.11
CA GLU A 152 -25.27 3.13 9.34
C GLU A 152 -25.39 1.96 8.38
N PHE A 153 -25.63 0.77 8.92
CA PHE A 153 -25.69 -0.48 8.14
C PHE A 153 -27.16 -0.85 7.92
N ILE A 154 -27.57 -0.95 6.66
CA ILE A 154 -28.96 -1.21 6.32
C ILE A 154 -29.05 -2.27 5.22
N ASP A 155 -30.28 -2.70 4.96
CA ASP A 155 -30.56 -3.73 3.96
C ASP A 155 -30.78 -3.10 2.59
N PHE A 156 -29.83 -3.31 1.69
CA PHE A 156 -29.85 -2.71 0.36
C PHE A 156 -30.73 -3.47 -0.62
N ARG A 157 -31.35 -4.58 -0.22
CA ARG A 157 -32.19 -5.35 -1.15
C ARG A 157 -33.41 -4.55 -1.59
N ASP A 158 -33.84 -3.60 -0.78
CA ASP A 158 -34.95 -2.70 -1.12
C ASP A 158 -34.40 -1.29 -1.28
N PRO A 159 -34.39 -0.71 -2.48
CA PRO A 159 -33.82 0.63 -2.66
C PRO A 159 -34.49 1.70 -1.79
N THR A 160 -35.77 1.51 -1.46
CA THR A 160 -36.43 2.52 -0.64
C THR A 160 -35.85 2.56 0.78
N ASN A 161 -35.23 1.48 1.25
CA ASN A 161 -34.49 1.55 2.50
C ASN A 161 -33.37 2.58 2.42
N VAL A 162 -32.66 2.62 1.29
CA VAL A 162 -31.61 3.62 1.12
C VAL A 162 -32.22 5.01 1.04
N GLU A 163 -33.29 5.16 0.24
CA GLU A 163 -33.92 6.47 0.11
C GLU A 163 -34.36 7.02 1.46
N LYS A 164 -34.95 6.18 2.32
CA LYS A 164 -35.46 6.64 3.59
C LYS A 164 -34.38 6.87 4.64
N ALA A 165 -33.16 6.36 4.43
CA ALA A 165 -32.10 6.45 5.44
C ALA A 165 -31.11 7.59 5.17
N ILE A 166 -31.23 8.27 4.03
CA ILE A 166 -30.31 9.33 3.67
C ILE A 166 -30.63 10.57 4.49
N ARG A 167 -29.63 11.11 5.18
CA ARG A 167 -29.72 12.31 5.98
C ARG A 167 -29.13 13.50 5.23
N PRO A 168 -29.31 14.73 5.72
CA PRO A 168 -28.58 15.85 5.13
C PRO A 168 -27.06 15.68 5.23
N GLN A 169 -26.58 14.93 6.23
CA GLN A 169 -25.16 14.69 6.42
C GLN A 169 -24.62 13.56 5.57
N THR A 170 -25.48 12.82 4.86
CA THR A 170 -25.04 11.66 4.08
C THR A 170 -24.19 12.11 2.89
N LYS A 171 -22.96 11.59 2.82
CA LYS A 171 -22.06 11.89 1.71
C LYS A 171 -21.84 10.70 0.79
N VAL A 172 -21.92 9.48 1.34
CA VAL A 172 -21.59 8.26 0.61
C VAL A 172 -22.64 7.19 0.90
N VAL A 173 -23.09 6.53 -0.16
CA VAL A 173 -23.86 5.29 -0.10
C VAL A 173 -22.98 4.20 -0.70
N PHE A 174 -22.66 3.18 0.08
CA PHE A 174 -21.68 2.14 -0.28
C PHE A 174 -22.39 0.81 -0.45
N SER A 175 -22.63 0.41 -1.69
CA SER A 175 -23.30 -0.85 -2.01
C SER A 175 -22.29 -1.93 -2.39
N GLU A 176 -22.76 -3.16 -2.40
CA GLU A 176 -21.96 -4.31 -2.82
C GLU A 176 -22.92 -5.30 -3.48
N SER A 177 -22.55 -5.83 -4.64
CA SER A 177 -23.47 -6.71 -5.34
C SER A 177 -22.72 -7.60 -6.33
N PRO A 178 -22.85 -8.94 -6.22
CA PRO A 178 -23.44 -9.68 -5.09
C PRO A 178 -22.63 -9.46 -3.81
N CYS A 179 -23.28 -9.49 -2.65
N CYS A 179 -23.29 -9.52 -2.64
CA CYS A 179 -22.58 -9.21 -1.41
CA CYS A 179 -22.65 -9.30 -1.36
C CYS A 179 -21.89 -10.47 -0.88
C CYS A 179 -21.84 -10.52 -0.93
N ASN A 180 -20.77 -10.27 -0.19
CA ASN A 180 -19.96 -11.31 0.42
C ASN A 180 -20.43 -11.54 1.84
N PRO A 181 -20.83 -12.76 2.22
CA PRO A 181 -20.87 -14.01 1.45
C PRO A 181 -22.27 -14.44 1.01
N THR A 182 -23.30 -13.69 1.42
CA THR A 182 -24.68 -14.14 1.27
C THR A 182 -25.18 -14.05 -0.18
N LEU A 183 -24.49 -13.27 -1.03
CA LEU A 183 -24.83 -13.13 -2.45
C LEU A 183 -26.16 -12.39 -2.66
N TYR A 184 -26.56 -11.57 -1.68
CA TYR A 184 -27.67 -10.65 -1.90
C TYR A 184 -27.30 -9.70 -3.02
N LEU A 185 -28.31 -9.29 -3.79
CA LEU A 185 -28.12 -8.32 -4.87
C LEU A 185 -28.65 -6.96 -4.44
N ALA A 186 -28.02 -5.91 -4.97
CA ALA A 186 -28.47 -4.55 -4.80
C ALA A 186 -28.83 -4.00 -6.16
N ASP A 187 -29.98 -3.33 -6.27
CA ASP A 187 -30.42 -2.77 -7.54
C ASP A 187 -29.63 -1.50 -7.85
N ILE A 188 -28.55 -1.65 -8.61
CA ILE A 188 -27.58 -0.56 -8.74
C ILE A 188 -28.21 0.63 -9.46
N GLU A 189 -29.01 0.37 -10.50
CA GLU A 189 -29.62 1.47 -11.25
C GLU A 189 -30.60 2.27 -10.37
N ALA A 190 -31.44 1.58 -9.60
CA ALA A 190 -32.41 2.28 -8.74
C ALA A 190 -31.70 3.06 -7.65
N ILE A 191 -30.72 2.45 -6.99
CA ILE A 191 -29.97 3.13 -5.95
C ILE A 191 -29.26 4.35 -6.53
N SER A 192 -28.72 4.22 -7.75
CA SER A 192 -28.06 5.34 -8.40
C SER A 192 -29.04 6.48 -8.67
N GLN A 193 -30.25 6.15 -9.12
CA GLN A 193 -31.26 7.18 -9.31
C GLN A 193 -31.54 7.92 -8.01
N ILE A 194 -31.72 7.16 -6.93
CA ILE A 194 -31.95 7.76 -5.61
C ILE A 194 -30.78 8.68 -5.23
N CYS A 195 -29.54 8.20 -5.40
CA CYS A 195 -28.38 9.00 -4.99
C CYS A 195 -28.22 10.26 -5.85
N LYS A 196 -28.52 10.15 -7.14
CA LYS A 196 -28.47 11.33 -8.00
C LYS A 196 -29.46 12.38 -7.53
N GLU A 197 -30.69 11.97 -7.16
CA GLU A 197 -31.67 12.95 -6.71
C GLU A 197 -31.25 13.63 -5.41
N LYS A 198 -30.65 12.88 -4.48
CA LYS A 198 -30.21 13.43 -3.21
C LYS A 198 -28.81 14.05 -3.28
N LYS A 199 -28.16 14.00 -4.45
CA LYS A 199 -26.76 14.45 -4.63
C LYS A 199 -25.84 13.82 -3.59
N VAL A 200 -25.83 12.49 -3.57
CA VAL A 200 -24.98 11.69 -2.69
C VAL A 200 -24.11 10.79 -3.57
N LEU A 201 -22.88 10.53 -3.14
CA LEU A 201 -22.00 9.66 -3.91
C LEU A 201 -22.41 8.21 -3.76
N HIS A 202 -22.57 7.51 -4.88
CA HIS A 202 -22.84 6.07 -4.89
C HIS A 202 -21.55 5.33 -5.26
N VAL A 203 -21.02 4.61 -4.28
CA VAL A 203 -19.87 3.74 -4.46
C VAL A 203 -20.37 2.31 -4.48
N CYS A 204 -19.90 1.51 -5.44
CA CYS A 204 -20.31 0.11 -5.56
C CYS A 204 -19.07 -0.78 -5.57
N ASP A 205 -19.03 -1.76 -4.66
CA ASP A 205 -18.05 -2.84 -4.66
C ASP A 205 -18.61 -3.98 -5.48
N SER A 206 -18.12 -4.13 -6.71
CA SER A 206 -18.63 -5.19 -7.57
C SER A 206 -17.60 -6.30 -7.75
N THR A 207 -16.75 -6.52 -6.74
CA THR A 207 -15.73 -7.57 -6.80
C THR A 207 -16.33 -8.93 -7.19
N PHE A 208 -17.44 -9.30 -6.57
CA PHE A 208 -18.03 -10.63 -6.82
C PHE A 208 -18.61 -10.73 -8.23
N ALA A 209 -18.96 -9.60 -8.84
CA ALA A 209 -19.62 -9.65 -10.13
C ALA A 209 -18.61 -9.75 -11.28
N THR A 210 -17.51 -8.98 -11.19
CA THR A 210 -16.57 -8.64 -12.26
C THR A 210 -17.29 -7.79 -13.30
N PRO A 211 -16.57 -6.97 -14.06
CA PRO A 211 -17.21 -6.16 -15.10
C PRO A 211 -17.75 -6.98 -16.26
N TYR A 212 -17.40 -8.26 -16.34
CA TYR A 212 -17.93 -9.13 -17.38
C TYR A 212 -19.40 -9.47 -17.12
N MET A 213 -19.84 -9.44 -15.86
CA MET A 213 -21.23 -9.68 -15.49
C MET A 213 -22.00 -8.39 -15.16
N MET A 214 -21.36 -7.40 -14.54
CA MET A 214 -22.05 -6.17 -14.14
C MET A 214 -21.07 -5.02 -14.04
N ARG A 215 -21.35 -3.94 -14.76
CA ARG A 215 -20.55 -2.71 -14.68
C ARG A 215 -21.37 -1.63 -13.99
N PRO A 216 -21.15 -1.39 -12.68
CA PRO A 216 -21.98 -0.40 -11.97
C PRO A 216 -21.88 1.00 -12.56
N LEU A 217 -20.76 1.38 -13.18
CA LEU A 217 -20.68 2.70 -13.80
C LEU A 217 -21.69 2.84 -14.94
N ASP A 218 -21.93 1.75 -15.69
CA ASP A 218 -22.97 1.76 -16.73
C ASP A 218 -24.36 1.96 -16.12
N LEU A 219 -24.56 1.56 -14.86
CA LEU A 219 -25.84 1.64 -14.19
C LEU A 219 -25.96 2.88 -13.31
N GLY A 220 -25.06 3.86 -13.48
CA GLY A 220 -25.17 5.13 -12.79
C GLY A 220 -24.36 5.29 -11.52
N ALA A 221 -23.60 4.28 -11.09
CA ALA A 221 -22.77 4.46 -9.91
C ALA A 221 -21.75 5.55 -10.15
N ASP A 222 -21.34 6.24 -9.07
CA ASP A 222 -20.34 7.29 -9.21
C ASP A 222 -18.92 6.73 -9.12
N ILE A 223 -18.73 5.70 -8.31
CA ILE A 223 -17.41 5.09 -8.12
C ILE A 223 -17.58 3.58 -8.06
N VAL A 224 -16.63 2.85 -8.64
CA VAL A 224 -16.55 1.40 -8.45
C VAL A 224 -15.28 1.09 -7.68
N VAL A 225 -15.38 0.17 -6.72
N VAL A 225 -15.41 0.17 -6.73
CA VAL A 225 -14.20 -0.34 -6.05
CA VAL A 225 -14.28 -0.39 -6.00
C VAL A 225 -14.10 -1.83 -6.36
C VAL A 225 -14.12 -1.84 -6.43
N GLN A 226 -12.89 -2.28 -6.66
CA GLN A 226 -12.60 -3.65 -7.03
C GLN A 226 -11.47 -4.17 -6.13
N SER A 227 -11.64 -5.37 -5.59
CA SER A 227 -10.46 -6.12 -5.17
C SER A 227 -9.96 -6.88 -6.40
N THR A 228 -8.87 -6.38 -6.98
CA THR A 228 -8.31 -7.11 -8.13
C THR A 228 -7.69 -8.44 -7.71
N THR A 229 -7.45 -8.63 -6.40
CA THR A 229 -6.97 -9.91 -5.86
C THR A 229 -7.79 -11.09 -6.35
N LYS A 230 -9.10 -10.89 -6.50
CA LYS A 230 -10.02 -12.01 -6.63
C LYS A 230 -10.10 -12.48 -8.08
N TYR A 231 -10.91 -11.82 -8.90
CA TYR A 231 -11.14 -12.29 -10.27
C TYR A 231 -10.19 -11.66 -11.28
N TYR A 232 -9.88 -10.36 -11.15
CA TYR A 232 -8.96 -9.73 -12.10
C TYR A 232 -7.67 -10.52 -12.18
N ASP A 233 -7.12 -10.89 -11.00
CA ASP A 233 -5.98 -11.80 -10.89
C ASP A 233 -6.45 -13.22 -11.24
N GLY A 234 -7.30 -13.79 -10.41
CA GLY A 234 -7.90 -15.08 -10.71
C GLY A 234 -6.93 -16.25 -10.63
N HIS A 235 -5.70 -16.01 -10.20
CA HIS A 235 -4.70 -17.07 -10.16
C HIS A 235 -4.09 -17.24 -8.78
N ASN A 236 -4.67 -16.60 -7.74
CA ASN A 236 -4.15 -16.65 -6.38
C ASN A 236 -2.74 -16.08 -6.29
N CYS A 237 -2.38 -15.19 -7.21
CA CYS A 237 -1.00 -14.72 -7.39
C CYS A 237 -0.72 -13.41 -6.66
N THR A 238 -1.52 -12.38 -6.89
CA THR A 238 -1.21 -11.04 -6.38
C THR A 238 -2.33 -10.52 -5.49
N LEU A 239 -2.00 -9.56 -4.64
CA LEU A 239 -2.98 -8.70 -4.02
C LEU A 239 -3.12 -7.41 -4.82
N GLY A 240 -4.31 -6.85 -4.83
CA GLY A 240 -4.46 -5.56 -5.48
C GLY A 240 -5.84 -4.96 -5.33
N GLY A 241 -5.94 -3.65 -5.60
CA GLY A 241 -7.22 -2.97 -5.54
C GLY A 241 -7.32 -1.94 -6.66
N ALA A 242 -8.56 -1.53 -6.93
CA ALA A 242 -8.76 -0.48 -7.93
C ALA A 242 -9.96 0.36 -7.55
N VAL A 243 -9.88 1.65 -7.88
CA VAL A 243 -10.97 2.59 -7.77
C VAL A 243 -11.19 3.16 -9.17
N ILE A 244 -12.38 2.94 -9.73
CA ILE A 244 -12.71 3.47 -11.04
C ILE A 244 -13.71 4.60 -10.83
N SER A 245 -13.35 5.78 -11.32
CA SER A 245 -14.15 6.98 -11.13
C SER A 245 -14.91 7.33 -12.39
N SER A 246 -16.15 7.81 -12.21
CA SER A 246 -17.00 8.23 -13.31
C SER A 246 -16.61 9.60 -13.87
N THR A 247 -15.92 10.43 -13.11
CA THR A 247 -15.59 11.79 -13.57
C THR A 247 -14.14 12.13 -13.24
N LYS A 248 -13.64 13.15 -13.95
CA LYS A 248 -12.32 13.70 -13.69
C LYS A 248 -12.20 14.26 -12.27
N GLU A 249 -13.24 14.97 -11.78
CA GLU A 249 -13.16 15.55 -10.43
C GLU A 249 -12.94 14.45 -9.38
N ILE A 250 -13.71 13.37 -9.46
CA ILE A 250 -13.58 12.28 -8.49
C ILE A 250 -12.23 11.59 -8.65
N HIS A 251 -11.85 11.30 -9.91
CA HIS A 251 -10.57 10.63 -10.17
C HIS A 251 -9.40 11.43 -9.59
N ASP A 252 -9.41 12.75 -9.80
CA ASP A 252 -8.33 13.60 -9.31
C ASP A 252 -8.24 13.56 -7.79
N LYS A 253 -9.40 13.60 -7.10
CA LYS A 253 -9.38 13.47 -5.65
C LYS A 253 -8.74 12.16 -5.20
N VAL A 254 -9.15 11.05 -5.82
CA VAL A 254 -8.63 9.74 -5.45
C VAL A 254 -7.13 9.66 -5.69
N PHE A 255 -6.68 10.12 -6.86
CA PHE A 255 -5.26 10.08 -7.22
C PHE A 255 -4.40 10.86 -6.21
N PHE A 256 -4.83 12.09 -5.91
CA PHE A 256 -4.12 12.91 -4.94
C PHE A 256 -3.99 12.19 -3.60
N LEU A 257 -5.11 11.65 -3.11
CA LEU A 257 -5.02 11.03 -1.79
C LEU A 257 -4.20 9.74 -1.83
N ARG A 258 -4.23 9.00 -2.95
CA ARG A 258 -3.40 7.81 -3.05
C ARG A 258 -1.93 8.17 -2.88
N ASN A 259 -1.51 9.28 -3.49
CA ASN A 259 -0.13 9.70 -3.31
C ASN A 259 0.15 10.01 -1.84
N VAL A 260 -0.81 10.61 -1.14
CA VAL A 260 -0.60 10.95 0.28
C VAL A 260 -0.56 9.69 1.15
N MET A 261 -1.45 8.73 0.87
CA MET A 261 -1.59 7.52 1.70
C MET A 261 -0.46 6.54 1.43
N GLY A 262 0.25 6.70 0.32
CA GLY A 262 1.31 5.77 -0.08
C GLY A 262 0.87 4.34 -0.32
N ASN A 263 -0.32 4.13 -0.88
CA ASN A 263 -0.87 2.79 -1.00
C ASN A 263 -1.05 2.35 -2.46
N ILE A 264 -0.26 2.94 -3.36
CA ILE A 264 -0.28 2.56 -4.76
C ILE A 264 0.11 1.09 -4.94
N MET A 265 -0.38 0.49 -6.03
CA MET A 265 0.06 -0.81 -6.50
C MET A 265 1.50 -0.74 -7.01
N SER A 266 2.22 -1.86 -6.90
CA SER A 266 3.58 -1.94 -7.44
C SER A 266 3.56 -2.29 -8.93
N ALA A 267 4.67 -1.95 -9.60
CA ALA A 267 4.79 -2.26 -11.03
C ALA A 267 4.72 -3.77 -11.31
N GLN A 268 5.34 -4.59 -10.45
CA GLN A 268 5.33 -6.04 -10.69
C GLN A 268 3.92 -6.61 -10.57
N THR A 269 3.18 -6.17 -9.55
CA THR A 269 1.78 -6.57 -9.40
C THR A 269 0.95 -6.12 -10.61
N ALA A 270 1.15 -4.88 -11.06
CA ALA A 270 0.43 -4.41 -12.23
C ALA A 270 0.76 -5.26 -13.46
N PHE A 271 2.01 -5.68 -13.62
CA PHE A 271 2.36 -6.54 -14.75
C PHE A 271 1.61 -7.87 -14.67
N TYR A 272 1.64 -8.52 -13.49
CA TYR A 272 0.88 -9.76 -13.30
C TYR A 272 -0.59 -9.56 -13.67
N THR A 273 -1.20 -8.45 -13.22
CA THR A 273 -2.64 -8.26 -13.45
C THR A 273 -2.93 -7.89 -14.90
N LEU A 274 -2.04 -7.13 -15.55
CA LEU A 274 -2.16 -6.89 -16.98
C LEU A 274 -2.19 -8.22 -17.73
N LEU A 275 -1.36 -9.19 -17.29
CA LEU A 275 -1.33 -10.54 -17.85
C LEU A 275 -2.64 -11.29 -17.60
N THR A 276 -3.05 -11.40 -16.33
CA THR A 276 -4.19 -12.28 -15.99
C THR A 276 -5.52 -11.73 -16.47
N LEU A 277 -5.66 -10.40 -16.57
CA LEU A 277 -6.92 -9.82 -17.04
C LEU A 277 -7.26 -10.27 -18.45
N LYS A 278 -6.24 -10.64 -19.25
CA LYS A 278 -6.50 -11.05 -20.63
C LYS A 278 -7.47 -12.22 -20.70
N THR A 279 -7.43 -13.13 -19.73
CA THR A 279 -8.30 -14.31 -19.76
C THR A 279 -9.51 -14.17 -18.86
N LEU A 280 -9.80 -12.99 -18.30
CA LEU A 280 -10.96 -12.91 -17.41
C LEU A 280 -12.24 -13.41 -18.07
N PRO A 281 -12.60 -13.00 -19.30
CA PRO A 281 -13.85 -13.54 -19.88
C PRO A 281 -13.92 -15.07 -19.97
N ILE A 282 -12.89 -15.75 -20.49
CA ILE A 282 -13.00 -17.21 -20.64
C ILE A 282 -12.92 -17.90 -19.28
N ARG A 283 -12.18 -17.32 -18.33
CA ARG A 283 -12.16 -17.85 -16.97
C ARG A 283 -13.54 -17.77 -16.33
N VAL A 284 -14.17 -16.60 -16.38
CA VAL A 284 -15.45 -16.42 -15.71
C VAL A 284 -16.54 -17.24 -16.39
N GLU A 285 -16.47 -17.38 -17.73
CA GLU A 285 -17.41 -18.26 -18.41
C GLU A 285 -17.30 -19.69 -17.88
N LYS A 286 -16.07 -20.21 -17.80
CA LYS A 286 -15.88 -21.59 -17.32
C LYS A 286 -16.31 -21.73 -15.85
N GLN A 287 -15.89 -20.79 -15.01
CA GLN A 287 -16.26 -20.81 -13.60
C GLN A 287 -17.77 -20.79 -13.43
N SER A 288 -18.46 -19.95 -14.21
CA SER A 288 -19.90 -19.84 -14.06
C SER A 288 -20.64 -21.07 -14.58
N ALA A 289 -20.16 -21.68 -15.67
CA ALA A 289 -20.76 -22.94 -16.12
C ALA A 289 -20.62 -24.02 -15.05
N ASN A 290 -19.40 -24.16 -14.50
CA ASN A 290 -19.20 -25.09 -13.38
C ASN A 290 -20.14 -24.76 -12.21
N ALA A 291 -20.26 -23.47 -11.87
CA ALA A 291 -21.04 -23.08 -10.71
C ALA A 291 -22.51 -23.42 -10.89
N GLN A 292 -23.05 -23.17 -12.08
CA GLN A 292 -24.42 -23.57 -12.40
C GLN A 292 -24.62 -25.06 -12.16
N LYS A 293 -23.70 -25.88 -12.69
CA LYS A 293 -23.86 -27.33 -12.51
C LYS A 293 -23.74 -27.73 -11.04
N ILE A 294 -22.81 -27.10 -10.30
CA ILE A 294 -22.64 -27.44 -8.89
C ILE A 294 -23.88 -27.03 -8.10
N ALA A 295 -24.43 -25.86 -8.40
CA ALA A 295 -25.63 -25.40 -7.70
C ALA A 295 -26.81 -26.33 -7.98
N GLU A 296 -26.94 -26.79 -9.22
CA GLU A 296 -28.02 -27.73 -9.54
C GLU A 296 -27.83 -29.05 -8.79
N PHE A 297 -26.60 -29.55 -8.71
CA PHE A 297 -26.33 -30.77 -7.93
C PHE A 297 -26.69 -30.58 -6.46
N LEU A 298 -26.23 -29.49 -5.86
CA LEU A 298 -26.47 -29.26 -4.43
C LEU A 298 -27.95 -29.09 -4.13
N SER A 299 -28.73 -28.53 -5.06
CA SER A 299 -30.13 -28.28 -4.77
C SER A 299 -30.96 -29.57 -4.71
N LYS A 300 -30.40 -30.71 -5.16
CA LYS A 300 -31.08 -31.99 -5.11
C LYS A 300 -30.53 -32.89 -4.02
N HIS A 301 -29.46 -32.47 -3.34
CA HIS A 301 -28.81 -33.29 -2.33
C HIS A 301 -29.56 -33.22 -1.01
N HIS A 302 -29.83 -34.39 -0.42
CA HIS A 302 -30.69 -34.43 0.75
C HIS A 302 -30.02 -33.90 2.00
N LYS A 303 -28.69 -33.75 2.01
CA LYS A 303 -28.02 -33.20 3.18
C LYS A 303 -27.86 -31.69 3.11
N VAL A 304 -28.38 -31.05 2.06
CA VAL A 304 -28.26 -29.61 1.85
C VAL A 304 -29.61 -28.97 2.10
N GLU A 305 -29.62 -27.97 2.98
CA GLU A 305 -30.87 -27.32 3.37
C GLU A 305 -31.29 -26.26 2.35
N HIS A 306 -30.35 -25.39 1.97
CA HIS A 306 -30.61 -24.30 1.03
C HIS A 306 -29.39 -24.13 0.12
N VAL A 307 -29.64 -23.70 -1.11
CA VAL A 307 -28.59 -23.36 -2.06
C VAL A 307 -28.84 -21.95 -2.57
N ILE A 308 -27.80 -21.13 -2.63
CA ILE A 308 -27.87 -19.75 -3.07
C ILE A 308 -26.99 -19.61 -4.31
N TYR A 309 -27.61 -19.41 -5.47
CA TYR A 309 -26.90 -19.13 -6.71
C TYR A 309 -27.82 -18.33 -7.63
N PRO A 310 -27.36 -17.20 -8.19
CA PRO A 310 -28.26 -16.39 -9.01
C PRO A 310 -28.78 -17.07 -10.28
N GLY A 311 -28.21 -18.22 -10.66
CA GLY A 311 -28.69 -18.91 -11.85
C GLY A 311 -29.69 -20.04 -11.68
N ILE A 312 -30.10 -20.36 -10.45
CA ILE A 312 -31.08 -21.43 -10.24
C ILE A 312 -32.42 -20.83 -9.84
N PRO A 313 -33.54 -21.54 -10.05
CA PRO A 313 -34.85 -20.90 -9.88
C PRO A 313 -35.17 -20.51 -8.43
N SER A 314 -34.54 -21.14 -7.45
CA SER A 314 -34.81 -20.83 -6.05
C SER A 314 -34.23 -19.50 -5.60
N PHE A 315 -33.42 -18.84 -6.40
CA PHE A 315 -32.76 -17.60 -5.98
C PHE A 315 -33.80 -16.54 -5.63
N PRO A 316 -33.76 -15.96 -4.43
CA PRO A 316 -34.84 -15.02 -4.04
C PRO A 316 -34.93 -13.79 -4.94
N GLN A 317 -33.80 -13.25 -5.38
CA GLN A 317 -33.81 -12.04 -6.21
C GLN A 317 -33.62 -12.36 -7.69
N LYS A 318 -34.35 -13.38 -8.18
CA LYS A 318 -34.16 -13.86 -9.56
C LYS A 318 -34.49 -12.77 -10.59
N GLU A 319 -35.53 -11.98 -10.33
CA GLU A 319 -35.90 -10.91 -11.26
C GLU A 319 -34.77 -9.90 -11.41
N LEU A 320 -34.21 -9.44 -10.28
CA LEU A 320 -33.11 -8.50 -10.35
C LEU A 320 -31.87 -9.14 -10.99
N ALA A 321 -31.63 -10.42 -10.72
CA ALA A 321 -30.48 -11.10 -11.33
C ALA A 321 -30.60 -11.12 -12.85
N LEU A 322 -31.80 -11.42 -13.36
CA LEU A 322 -32.00 -11.40 -14.80
C LEU A 322 -31.87 -9.99 -15.36
N LYS A 323 -32.26 -8.96 -14.59
CA LYS A 323 -32.15 -7.59 -15.10
C LYS A 323 -30.71 -7.10 -15.10
N GLN A 324 -29.93 -7.48 -14.10
CA GLN A 324 -28.68 -6.80 -13.76
C GLN A 324 -27.43 -7.59 -14.20
N HIS A 325 -27.55 -8.90 -14.41
CA HIS A 325 -26.40 -9.71 -14.76
C HIS A 325 -26.32 -9.95 -16.27
N LYS A 326 -25.13 -9.78 -16.81
CA LYS A 326 -24.84 -10.03 -18.21
C LYS A 326 -23.99 -11.27 -18.35
N ASN A 327 -24.23 -12.05 -19.42
CA ASN A 327 -23.39 -13.17 -19.85
C ASN A 327 -23.51 -14.40 -18.95
N VAL A 328 -23.35 -14.22 -17.64
CA VAL A 328 -23.23 -15.33 -16.71
C VAL A 328 -23.93 -14.97 -15.40
N HIS A 329 -23.92 -15.90 -14.45
CA HIS A 329 -24.37 -15.60 -13.09
C HIS A 329 -23.24 -15.77 -12.08
N GLY A 330 -22.01 -15.98 -12.55
CA GLY A 330 -20.84 -15.83 -11.70
C GLY A 330 -20.32 -17.14 -11.14
N GLY A 331 -19.13 -17.06 -10.54
CA GLY A 331 -18.48 -18.22 -9.99
C GLY A 331 -18.69 -18.45 -8.50
N MET A 332 -19.45 -17.58 -7.83
CA MET A 332 -19.67 -17.69 -6.39
C MET A 332 -21.03 -18.34 -6.13
N LEU A 333 -21.07 -19.23 -5.14
CA LEU A 333 -22.34 -19.78 -4.68
C LEU A 333 -22.22 -20.05 -3.19
N ALA A 334 -23.35 -20.36 -2.58
CA ALA A 334 -23.36 -20.66 -1.15
C ALA A 334 -24.38 -21.75 -0.88
N PHE A 335 -24.24 -22.40 0.28
CA PHE A 335 -25.27 -23.37 0.66
C PHE A 335 -25.19 -23.64 2.15
N GLU A 336 -26.29 -24.16 2.69
CA GLU A 336 -26.39 -24.47 4.11
C GLU A 336 -26.51 -25.98 4.24
N VAL A 337 -25.59 -26.58 5.00
CA VAL A 337 -25.66 -28.00 5.27
C VAL A 337 -26.61 -28.23 6.44
N LYS A 338 -27.38 -29.32 6.36
CA LYS A 338 -28.27 -29.69 7.46
C LYS A 338 -27.44 -30.18 8.65
N GLY A 339 -27.82 -29.75 9.85
CA GLY A 339 -27.16 -30.15 11.07
C GLY A 339 -26.42 -29.04 11.78
N GLY A 340 -26.32 -27.86 11.16
CA GLY A 340 -25.74 -26.72 11.84
C GLY A 340 -24.23 -26.65 11.80
N THR A 341 -23.63 -26.20 12.90
CA THR A 341 -22.20 -25.94 12.92
C THR A 341 -21.40 -27.24 12.88
N GLU A 342 -21.81 -28.23 13.67
CA GLU A 342 -21.05 -29.48 13.72
C GLU A 342 -21.00 -30.14 12.35
N ALA A 343 -22.12 -30.12 11.61
CA ALA A 343 -22.13 -30.71 10.28
C ALA A 343 -21.24 -29.94 9.32
N GLY A 344 -21.30 -28.60 9.35
CA GLY A 344 -20.44 -27.81 8.50
C GLY A 344 -18.97 -28.07 8.76
N ILE A 345 -18.60 -28.24 10.04
CA ILE A 345 -17.20 -28.52 10.39
C ILE A 345 -16.79 -29.88 9.85
N ARG A 346 -17.61 -30.90 10.08
CA ARG A 346 -17.28 -32.23 9.55
C ARG A 346 -17.09 -32.16 8.03
N MET A 347 -17.98 -31.46 7.34
CA MET A 347 -17.85 -31.33 5.90
C MET A 347 -16.54 -30.65 5.52
N MET A 348 -16.27 -29.48 6.12
CA MET A 348 -15.04 -28.75 5.79
C MET A 348 -13.81 -29.60 6.03
N ASN A 349 -13.78 -30.32 7.14
CA ASN A 349 -12.64 -31.16 7.45
C ASN A 349 -12.51 -32.32 6.47
N HIS A 350 -13.58 -32.67 5.73
CA HIS A 350 -13.44 -33.80 4.81
C HIS A 350 -13.64 -33.42 3.34
N VAL A 351 -13.43 -32.16 2.96
CA VAL A 351 -13.57 -31.80 1.56
C VAL A 351 -12.25 -32.09 0.84
N PRO A 352 -12.21 -33.03 -0.11
CA PRO A 352 -10.94 -33.46 -0.67
C PRO A 352 -10.50 -32.56 -1.82
N ARG A 353 -9.22 -32.70 -2.17
CA ARG A 353 -8.71 -32.13 -3.40
C ARG A 353 -9.60 -32.61 -4.56
N PRO A 354 -9.81 -31.78 -5.59
CA PRO A 354 -9.10 -30.53 -5.89
C PRO A 354 -9.53 -29.30 -5.11
N TRP A 355 -10.52 -29.42 -4.22
CA TRP A 355 -10.91 -28.29 -3.39
C TRP A 355 -9.76 -27.87 -2.47
N SER A 356 -9.70 -26.56 -2.18
CA SER A 356 -8.75 -25.99 -1.22
C SER A 356 -9.57 -25.37 -0.09
N LEU A 357 -9.20 -25.68 1.14
CA LEU A 357 -9.85 -25.12 2.34
C LEU A 357 -9.09 -23.88 2.77
N CYS A 358 -9.62 -22.69 2.48
CA CYS A 358 -8.88 -21.46 2.74
C CYS A 358 -9.76 -20.25 2.45
N GLU A 359 -9.21 -19.07 2.72
CA GLU A 359 -9.88 -17.81 2.42
C GLU A 359 -9.63 -17.42 0.97
N SER A 360 -10.21 -16.30 0.58
CA SER A 360 -10.18 -15.69 -0.75
C SER A 360 -11.13 -16.40 -1.72
N LEU A 361 -11.13 -15.97 -2.98
CA LEU A 361 -12.13 -16.40 -3.95
C LEU A 361 -11.71 -15.88 -5.32
N GLY A 362 -12.39 -16.40 -6.35
CA GLY A 362 -12.27 -15.88 -7.69
C GLY A 362 -11.24 -16.59 -8.56
N ALA A 363 -10.56 -17.58 -8.04
CA ALA A 363 -9.37 -18.13 -8.65
C ALA A 363 -9.65 -19.38 -9.50
N CYS A 364 -8.67 -19.73 -10.34
CA CYS A 364 -8.68 -20.99 -11.08
C CYS A 364 -8.84 -22.18 -10.17
N GLU A 365 -8.30 -22.10 -8.96
CA GLU A 365 -8.39 -23.16 -7.96
C GLU A 365 -9.67 -22.98 -7.14
N SER A 366 -10.52 -24.01 -7.12
CA SER A 366 -11.77 -23.93 -6.38
C SER A 366 -11.49 -23.84 -4.88
N ILE A 367 -12.22 -22.98 -4.20
CA ILE A 367 -12.00 -22.66 -2.79
C ILE A 367 -13.31 -22.80 -2.04
N ILE A 368 -13.24 -23.34 -0.83
CA ILE A 368 -14.44 -23.51 -0.02
C ILE A 368 -14.13 -23.05 1.40
N THR A 369 -15.09 -22.38 2.03
CA THR A 369 -14.87 -22.03 3.43
C THR A 369 -16.20 -21.91 4.16
N CYS A 370 -16.14 -22.13 5.48
CA CYS A 370 -17.31 -21.99 6.33
C CYS A 370 -17.05 -20.86 7.32
N PRO A 371 -17.56 -19.65 7.05
CA PRO A 371 -17.20 -18.49 7.89
C PRO A 371 -17.42 -18.70 9.39
N ALA A 372 -18.45 -19.46 9.77
CA ALA A 372 -18.77 -19.63 11.19
C ALA A 372 -17.61 -20.25 11.96
N VAL A 373 -16.96 -21.25 11.35
CA VAL A 373 -15.92 -21.99 12.06
C VAL A 373 -14.54 -21.35 11.88
N PHE A 374 -14.35 -20.58 10.79
CA PHE A 374 -13.06 -19.93 10.50
C PHE A 374 -13.13 -18.44 10.82
N ARG A 381 -22.58 -14.41 17.17
CA ARG A 381 -23.51 -15.28 16.46
C ARG A 381 -24.84 -14.59 16.20
N GLU A 382 -25.32 -13.82 17.18
CA GLU A 382 -26.59 -13.13 17.01
C GLU A 382 -26.54 -12.19 15.80
N ASP A 383 -25.49 -11.38 15.69
CA ASP A 383 -25.35 -10.51 14.52
C ASP A 383 -25.01 -11.32 13.27
N ARG A 384 -24.24 -12.41 13.43
CA ARG A 384 -23.99 -13.33 12.32
C ARG A 384 -25.30 -13.77 11.69
N LEU A 385 -26.26 -14.19 12.53
CA LEU A 385 -27.58 -14.58 12.04
C LEU A 385 -28.34 -13.39 11.48
N LYS A 386 -28.16 -12.21 12.10
CA LYS A 386 -28.82 -11.01 11.57
C LYS A 386 -28.41 -10.76 10.12
N VAL A 387 -27.14 -11.03 9.78
CA VAL A 387 -26.69 -10.88 8.40
C VAL A 387 -27.40 -11.89 7.49
N GLY A 388 -27.35 -13.16 7.86
CA GLY A 388 -27.83 -14.22 6.99
C GLY A 388 -26.84 -15.36 7.01
N ILE A 389 -25.70 -15.12 7.66
CA ILE A 389 -24.66 -16.13 7.85
C ILE A 389 -25.09 -17.12 8.92
N THR A 390 -25.79 -18.17 8.52
CA THR A 390 -26.26 -19.17 9.47
C THR A 390 -25.14 -20.16 9.81
N ASP A 391 -25.44 -21.03 10.77
CA ASP A 391 -24.39 -21.87 11.37
C ASP A 391 -23.75 -22.79 10.34
N GLY A 392 -24.57 -23.48 9.54
CA GLY A 392 -24.07 -24.39 8.53
C GLY A 392 -23.80 -23.77 7.18
N PHE A 393 -23.56 -22.46 7.14
CA PHE A 393 -23.43 -21.74 5.88
C PHE A 393 -22.02 -21.92 5.31
N ILE A 394 -21.95 -22.21 4.01
CA ILE A 394 -20.70 -22.52 3.31
C ILE A 394 -20.63 -21.61 2.09
N ARG A 395 -19.52 -20.89 1.96
CA ARG A 395 -19.25 -20.07 0.79
C ARG A 395 -18.33 -20.83 -0.17
N VAL A 396 -18.69 -20.87 -1.44
CA VAL A 396 -18.01 -21.69 -2.43
C VAL A 396 -17.58 -20.77 -3.58
N SER A 397 -16.27 -20.80 -3.87
CA SER A 397 -15.69 -20.10 -5.02
C SER A 397 -15.32 -21.18 -6.04
N VAL A 398 -16.00 -21.17 -7.17
CA VAL A 398 -15.82 -22.23 -8.15
C VAL A 398 -14.70 -21.86 -9.11
N GLY A 399 -13.77 -22.79 -9.31
CA GLY A 399 -12.65 -22.64 -10.23
C GLY A 399 -12.92 -23.28 -11.57
N ILE A 400 -11.84 -23.59 -12.29
CA ILE A 400 -11.98 -24.04 -13.68
C ILE A 400 -11.57 -25.51 -13.83
N GLU A 401 -11.53 -26.24 -12.72
CA GLU A 401 -11.27 -27.67 -12.81
C GLU A 401 -12.43 -28.37 -13.50
N ASP A 402 -12.25 -29.66 -13.78
CA ASP A 402 -13.36 -30.46 -14.27
C ASP A 402 -14.47 -30.54 -13.24
N VAL A 403 -15.69 -30.20 -13.65
CA VAL A 403 -16.79 -30.08 -12.70
C VAL A 403 -17.10 -31.42 -12.04
N ASN A 404 -16.77 -32.53 -12.69
CA ASN A 404 -17.05 -33.84 -12.09
C ASN A 404 -16.14 -34.13 -10.90
N ASP A 405 -14.89 -33.64 -10.94
CA ASP A 405 -14.03 -33.77 -9.76
C ASP A 405 -14.58 -32.94 -8.61
N LEU A 406 -15.01 -31.71 -8.90
CA LEU A 406 -15.57 -30.82 -7.90
C LEU A 406 -16.83 -31.41 -7.27
N ILE A 407 -17.76 -31.89 -8.10
CA ILE A 407 -19.00 -32.46 -7.57
C ILE A 407 -18.72 -33.74 -6.78
N ASP A 408 -17.88 -34.63 -7.32
CA ASP A 408 -17.53 -35.85 -6.58
C ASP A 408 -16.98 -35.50 -5.20
N GLY A 409 -16.09 -34.49 -5.13
CA GLY A 409 -15.53 -34.10 -3.85
C GLY A 409 -16.55 -33.53 -2.89
N LEU A 410 -17.44 -32.66 -3.38
CA LEU A 410 -18.51 -32.16 -2.52
C LEU A 410 -19.42 -33.29 -2.03
N ASP A 411 -19.69 -34.25 -2.91
CA ASP A 411 -20.54 -35.38 -2.54
C ASP A 411 -19.89 -36.18 -1.41
N TYR A 412 -18.59 -36.44 -1.53
CA TYR A 412 -17.86 -37.15 -0.49
C TYR A 412 -17.88 -36.35 0.82
N ALA A 413 -17.55 -35.05 0.75
CA ALA A 413 -17.57 -34.23 1.96
C ALA A 413 -18.95 -34.27 2.63
N LEU A 414 -20.02 -34.20 1.82
CA LEU A 414 -21.37 -34.22 2.38
C LEU A 414 -21.67 -35.55 3.05
N SER A 415 -21.10 -36.65 2.55
CA SER A 415 -21.36 -37.95 3.18
C SER A 415 -20.80 -38.02 4.59
N LYS A 416 -19.85 -37.13 4.95
CA LYS A 416 -19.33 -37.09 6.30
C LYS A 416 -20.12 -36.16 7.19
N ALA A 417 -20.91 -35.26 6.62
CA ALA A 417 -21.67 -34.32 7.41
C ALA A 417 -22.86 -35.01 8.06
N VAL B 22 27.48 -28.59 18.77
CA VAL B 22 26.87 -27.67 17.81
C VAL B 22 27.23 -28.14 16.41
N LYS B 23 26.22 -28.23 15.56
CA LYS B 23 26.37 -28.81 14.24
C LYS B 23 26.20 -27.73 13.18
N ALA B 24 26.56 -28.08 11.94
CA ALA B 24 26.34 -27.19 10.81
C ALA B 24 24.86 -26.80 10.75
N GLY B 25 24.60 -25.52 10.51
CA GLY B 25 23.26 -24.97 10.54
C GLY B 25 22.85 -24.35 11.86
N ASP B 26 23.65 -24.48 12.93
CA ASP B 26 23.36 -23.90 14.22
C ASP B 26 24.30 -22.73 14.48
N TRP B 27 23.81 -21.73 15.22
CA TRP B 27 24.68 -20.68 15.74
C TRP B 27 25.37 -21.16 17.01
N LEU B 28 26.51 -20.56 17.30
CA LEU B 28 27.19 -20.88 18.56
C LEU B 28 26.35 -20.36 19.71
N PRO B 29 26.01 -21.19 20.70
CA PRO B 29 25.14 -20.71 21.77
C PRO B 29 25.86 -19.71 22.66
N GLY B 30 25.11 -18.72 23.13
CA GLY B 30 25.64 -17.67 23.99
C GLY B 30 26.46 -16.61 23.29
N PHE B 31 26.57 -16.63 21.96
CA PHE B 31 27.25 -15.59 21.21
C PHE B 31 26.19 -14.70 20.56
N THR B 32 26.37 -13.38 20.65
CA THR B 32 25.58 -12.46 19.86
C THR B 32 26.30 -12.19 18.54
N PRO B 33 25.71 -12.52 17.39
CA PRO B 33 26.38 -12.22 16.12
C PRO B 33 26.67 -10.73 16.01
N ARG B 34 27.81 -10.42 15.38
CA ARG B 34 28.21 -9.04 15.19
C ARG B 34 27.32 -8.38 14.13
N GLU B 35 27.40 -7.05 14.07
CA GLU B 35 26.46 -6.23 13.32
C GLU B 35 26.37 -6.61 11.82
N GLU B 36 27.52 -6.63 11.13
CA GLU B 36 27.52 -6.93 9.70
C GLU B 36 26.99 -8.32 9.42
N THR B 37 27.27 -9.26 10.32
CA THR B 37 26.68 -10.59 10.19
C THR B 37 25.17 -10.51 10.22
N VAL B 38 24.61 -9.64 11.07
CA VAL B 38 23.16 -9.52 11.17
C VAL B 38 22.58 -8.97 9.87
N TYR B 39 23.26 -7.99 9.27
CA TYR B 39 22.79 -7.50 7.97
C TYR B 39 22.78 -8.62 6.94
N VAL B 40 23.78 -9.50 6.97
CA VAL B 40 23.77 -10.57 5.96
C VAL B 40 22.70 -11.62 6.28
N HIS B 41 22.54 -12.02 7.55
CA HIS B 41 21.82 -13.23 7.90
C HIS B 41 20.59 -13.01 8.75
N GLY B 42 20.39 -11.82 9.28
CA GLY B 42 19.31 -11.56 10.22
C GLY B 42 17.96 -11.92 9.65
N GLY B 43 17.12 -12.51 10.49
CA GLY B 43 15.78 -12.90 10.09
C GLY B 43 15.69 -13.98 9.05
N VAL B 44 16.81 -14.62 8.69
CA VAL B 44 16.76 -15.56 7.58
C VAL B 44 17.59 -16.81 7.89
N GLU B 45 16.97 -17.97 7.79
CA GLU B 45 17.68 -19.24 7.83
C GLU B 45 17.42 -20.00 6.55
N PRO B 46 18.26 -20.98 6.21
CA PRO B 46 17.97 -21.78 5.01
C PRO B 46 16.59 -22.39 5.10
N ASP B 47 15.94 -22.50 3.96
CA ASP B 47 14.61 -23.07 3.89
C ASP B 47 14.59 -24.45 4.54
N PRO B 48 13.70 -24.69 5.51
CA PRO B 48 13.64 -26.03 6.13
C PRO B 48 13.34 -27.14 5.16
N LEU B 49 12.52 -26.89 4.14
CA LEU B 49 12.07 -27.95 3.24
C LEU B 49 13.17 -28.38 2.27
N THR B 50 13.90 -27.41 1.69
CA THR B 50 14.88 -27.68 0.63
C THR B 50 16.31 -27.33 0.99
N GLY B 51 16.52 -26.57 2.05
CA GLY B 51 17.82 -25.98 2.36
C GLY B 51 18.20 -24.77 1.54
N ALA B 52 17.30 -24.24 0.70
CA ALA B 52 17.59 -23.05 -0.10
C ALA B 52 18.19 -21.96 0.78
N ILE B 53 19.31 -21.38 0.33
CA ILE B 53 20.06 -20.46 1.17
C ILE B 53 19.32 -19.13 1.31
N LEU B 54 18.60 -18.74 0.27
CA LEU B 54 17.62 -17.68 0.36
C LEU B 54 16.25 -18.32 0.44
N PRO B 55 15.37 -17.85 1.31
CA PRO B 55 14.03 -18.40 1.39
C PRO B 55 13.22 -17.96 0.19
N PRO B 56 12.32 -18.83 -0.29
CA PRO B 56 11.63 -18.54 -1.54
C PRO B 56 10.65 -17.38 -1.42
N ILE B 57 10.27 -16.87 -2.59
CA ILE B 57 9.31 -15.77 -2.67
C ILE B 57 7.91 -16.38 -2.62
N TYR B 58 7.15 -16.05 -1.57
CA TYR B 58 5.78 -16.52 -1.45
C TYR B 58 4.85 -15.57 -2.23
N GLN B 59 4.87 -15.74 -3.55
CA GLN B 59 4.03 -14.98 -4.46
C GLN B 59 2.67 -15.67 -4.56
N ASN B 60 1.89 -15.53 -3.49
CA ASN B 60 0.59 -16.18 -3.41
C ASN B 60 -0.29 -15.42 -2.42
N THR B 61 -1.60 -15.47 -2.66
CA THR B 61 -2.52 -14.69 -1.86
C THR B 61 -3.03 -15.42 -0.64
N THR B 62 -3.31 -16.72 -0.76
CA THR B 62 -4.04 -17.41 0.31
C THR B 62 -3.33 -18.70 0.67
N PHE B 63 -3.63 -19.18 1.88
CA PHE B 63 -2.92 -20.32 2.46
C PHE B 63 -3.93 -21.36 2.91
N VAL B 64 -3.69 -22.61 2.54
CA VAL B 64 -4.63 -23.68 2.81
C VAL B 64 -4.51 -24.11 4.27
N GLN B 65 -5.65 -24.41 4.89
CA GLN B 65 -5.72 -24.80 6.29
C GLN B 65 -5.95 -26.31 6.41
N GLU B 66 -5.31 -26.93 7.41
CA GLU B 66 -5.39 -28.38 7.57
C GLU B 66 -6.79 -28.81 7.99
N SER B 67 -7.42 -28.02 8.84
CA SER B 67 -8.75 -28.34 9.34
C SER B 67 -9.29 -27.09 10.03
N VAL B 68 -10.53 -27.18 10.48
CA VAL B 68 -11.10 -26.06 11.24
C VAL B 68 -10.34 -25.88 12.55
N GLU B 69 -10.03 -26.99 13.23
CA GLU B 69 -9.47 -26.87 14.57
C GLU B 69 -7.99 -26.48 14.54
N ASN B 70 -7.30 -26.75 13.44
CA ASN B 70 -5.93 -26.26 13.29
C ASN B 70 -5.85 -25.13 12.28
N TYR B 71 -6.84 -24.24 12.37
CA TYR B 71 -6.80 -22.98 11.64
C TYR B 71 -5.62 -22.13 12.14
N LEU B 72 -4.85 -21.59 11.18
CA LEU B 72 -3.68 -20.75 11.46
C LEU B 72 -2.57 -21.50 12.21
N SER B 73 -2.59 -22.83 12.15
CA SER B 73 -1.57 -23.64 12.82
C SER B 73 -0.20 -23.53 12.14
N LYS B 74 -0.17 -23.27 10.82
CA LYS B 74 1.09 -23.02 10.13
C LYS B 74 1.42 -21.53 10.01
N GLY B 75 0.60 -20.66 10.60
CA GLY B 75 0.97 -19.26 10.80
C GLY B 75 0.44 -18.27 9.79
N PHE B 76 -0.24 -18.71 8.73
CA PHE B 76 -0.63 -17.80 7.66
C PHE B 76 -2.02 -18.15 7.15
N SER B 77 -2.73 -17.13 6.66
CA SER B 77 -4.06 -17.31 6.10
C SER B 77 -4.27 -16.48 4.83
N TYR B 78 -3.77 -15.24 4.81
CA TYR B 78 -4.04 -14.31 3.73
C TYR B 78 -2.94 -13.25 3.69
N SER B 79 -2.43 -12.99 2.48
CA SER B 79 -1.19 -12.20 2.37
C SER B 79 -1.40 -10.72 2.66
N ARG B 80 -2.65 -10.22 2.67
CA ARG B 80 -2.87 -8.85 3.15
C ARG B 80 -2.59 -8.75 4.63
N THR B 81 -2.80 -9.84 5.38
CA THR B 81 -2.60 -9.82 6.82
C THR B 81 -1.15 -10.08 7.20
N SER B 82 -0.54 -11.09 6.58
CA SER B 82 0.87 -11.41 6.78
C SER B 82 1.28 -12.38 5.68
N ASN B 83 2.54 -12.30 5.31
CA ASN B 83 3.13 -13.13 4.26
C ASN B 83 4.50 -13.62 4.72
N PRO B 84 4.87 -14.86 4.43
CA PRO B 84 6.14 -15.40 4.99
C PRO B 84 7.39 -14.64 4.56
N THR B 85 7.47 -14.21 3.31
CA THR B 85 8.64 -13.45 2.85
C THR B 85 8.69 -12.10 3.56
N VAL B 86 7.54 -11.44 3.67
CA VAL B 86 7.45 -10.15 4.34
C VAL B 86 7.81 -10.30 5.81
N LEU B 87 7.35 -11.39 6.44
CA LEU B 87 7.64 -11.62 7.85
C LEU B 87 9.14 -11.87 8.08
N SER B 88 9.82 -12.58 7.15
CA SER B 88 11.27 -12.71 7.28
C SER B 88 11.95 -11.36 7.26
N LEU B 89 11.57 -10.51 6.30
CA LEU B 89 12.15 -9.17 6.25
C LEU B 89 11.86 -8.39 7.53
N GLU B 90 10.64 -8.53 8.08
CA GLU B 90 10.26 -7.82 9.30
C GLU B 90 11.12 -8.24 10.48
N LYS B 91 11.36 -9.55 10.64
CA LYS B 91 12.23 -10.00 11.73
C LYS B 91 13.63 -9.44 11.57
N LYS B 92 14.15 -9.43 10.35
CA LYS B 92 15.47 -8.85 10.10
C LYS B 92 15.52 -7.36 10.45
N ILE B 93 14.50 -6.61 10.02
CA ILE B 93 14.49 -5.17 10.29
C ILE B 93 14.37 -4.90 11.79
N ALA B 94 13.51 -5.64 12.48
CA ALA B 94 13.43 -5.48 13.93
C ALA B 94 14.77 -5.78 14.60
N GLU B 95 15.48 -6.79 14.11
CA GLU B 95 16.78 -7.09 14.70
C GLU B 95 17.78 -5.96 14.44
N ILE B 96 17.80 -5.42 13.23
CA ILE B 96 18.77 -4.38 12.87
C ILE B 96 18.48 -3.08 13.64
N GLU B 97 17.20 -2.73 13.79
CA GLU B 97 16.84 -1.45 14.40
C GLU B 97 16.77 -1.55 15.93
N GLY B 98 16.76 -2.76 16.48
CA GLY B 98 16.72 -2.98 17.92
C GLY B 98 15.32 -2.83 18.50
N GLY B 99 14.31 -3.36 17.83
CA GLY B 99 12.93 -3.23 18.25
C GLY B 99 12.32 -4.57 18.64
N PHE B 100 11.12 -4.51 19.23
CA PHE B 100 10.37 -5.73 19.52
C PHE B 100 9.93 -6.39 18.22
N GLY B 101 9.42 -5.61 17.29
CA GLY B 101 8.91 -6.14 16.05
C GLY B 101 8.80 -5.02 15.02
N ALA B 102 8.59 -5.44 13.77
CA ALA B 102 8.44 -4.50 12.67
C ALA B 102 7.28 -4.92 11.77
N CYS B 103 6.68 -3.92 11.15
CA CYS B 103 5.64 -4.08 10.14
C CYS B 103 6.16 -3.42 8.87
N CYS B 104 6.00 -4.12 7.74
CA CYS B 104 6.49 -3.62 6.45
C CYS B 104 5.30 -3.17 5.59
N PHE B 105 5.48 -2.08 4.85
CA PHE B 105 4.40 -1.40 4.14
C PHE B 105 4.80 -1.15 2.69
N ALA B 106 3.78 -0.80 1.89
CA ALA B 106 3.97 -0.57 0.45
C ALA B 106 4.96 0.57 0.19
N THR B 107 4.98 1.58 1.07
CA THR B 107 5.82 2.77 0.95
C THR B 107 6.14 3.34 2.34
N GLY B 108 7.15 4.21 2.39
CA GLY B 108 7.39 4.97 3.62
C GLY B 108 6.20 5.81 4.03
N MET B 109 5.53 6.47 3.07
CA MET B 109 4.36 7.27 3.40
C MET B 109 3.26 6.41 4.03
N ALA B 110 3.09 5.16 3.57
CA ALA B 110 2.07 4.31 4.18
C ALA B 110 2.41 3.97 5.63
N ALA B 111 3.69 3.71 5.94
CA ALA B 111 4.11 3.57 7.33
C ALA B 111 3.73 4.78 8.17
N THR B 112 4.12 5.97 7.68
CA THR B 112 3.85 7.21 8.44
C THR B 112 2.35 7.41 8.66
N VAL B 113 1.57 7.26 7.59
CA VAL B 113 0.13 7.43 7.66
C VAL B 113 -0.49 6.41 8.61
N THR B 114 0.06 5.19 8.66
CA THR B 114 -0.49 4.21 9.58
C THR B 114 -0.23 4.62 11.03
N ILE B 115 0.91 5.26 11.29
CA ILE B 115 1.16 5.76 12.65
C ILE B 115 0.18 6.86 12.99
N PHE B 116 0.01 7.84 12.10
CA PHE B 116 -0.96 8.90 12.37
C PHE B 116 -2.37 8.34 12.55
N SER B 117 -2.71 7.31 11.77
CA SER B 117 -4.05 6.74 11.85
C SER B 117 -4.25 5.98 13.16
N ALA B 118 -3.21 5.33 13.67
CA ALA B 118 -3.38 4.49 14.84
C ALA B 118 -3.31 5.29 16.13
N PHE B 119 -2.50 6.34 16.19
CA PHE B 119 -2.21 6.92 17.50
C PHE B 119 -2.79 8.31 17.70
N LEU B 120 -3.61 8.81 16.78
CA LEU B 120 -4.21 10.13 16.92
C LEU B 120 -5.72 10.04 16.69
N ALA B 121 -6.47 10.87 17.42
CA ALA B 121 -7.93 10.89 17.33
C ALA B 121 -8.40 12.33 17.45
N PRO B 122 -9.64 12.66 17.09
CA PRO B 122 -10.07 14.07 17.18
C PRO B 122 -9.80 14.64 18.56
N GLY B 123 -9.33 15.88 18.59
CA GLY B 123 -8.95 16.54 19.82
C GLY B 123 -7.50 16.39 20.20
N ASP B 124 -6.76 15.47 19.59
CA ASP B 124 -5.37 15.24 19.95
C ASP B 124 -4.46 16.29 19.34
N HIS B 125 -3.32 16.49 20.00
CA HIS B 125 -2.27 17.40 19.56
C HIS B 125 -1.04 16.57 19.18
N CYS B 126 -0.32 17.01 18.15
CA CYS B 126 0.84 16.29 17.60
C CYS B 126 1.92 17.30 17.26
N LEU B 127 3.08 17.17 17.90
CA LEU B 127 4.23 18.02 17.60
C LEU B 127 5.04 17.38 16.48
N VAL B 128 5.26 18.12 15.40
CA VAL B 128 6.02 17.63 14.26
C VAL B 128 7.15 18.61 14.00
N THR B 129 8.32 18.07 13.66
CA THR B 129 9.44 18.91 13.28
C THR B 129 9.05 19.77 12.07
N ASN B 130 9.32 21.08 12.16
CA ASN B 130 8.86 21.98 11.11
C ASN B 130 9.66 21.80 9.82
N CYS B 131 10.80 21.13 9.89
CA CYS B 131 11.55 20.76 8.71
C CYS B 131 11.38 19.29 8.36
N SER B 132 10.21 18.71 8.67
CA SER B 132 9.98 17.32 8.34
C SER B 132 9.98 17.14 6.82
N TYR B 133 10.17 15.89 6.40
CA TYR B 133 10.00 15.54 5.00
C TYR B 133 8.64 16.05 4.54
N GLY B 134 8.63 16.68 3.37
CA GLY B 134 7.44 17.33 2.83
C GLY B 134 6.18 16.50 2.83
N GLY B 135 6.28 15.22 2.46
CA GLY B 135 5.10 14.37 2.45
C GLY B 135 4.48 14.21 3.82
N THR B 136 5.32 14.07 4.85
CA THR B 136 4.83 14.01 6.22
C THR B 136 4.06 15.29 6.59
N ASN B 137 4.71 16.44 6.37
CA ASN B 137 4.08 17.73 6.57
C ASN B 137 2.74 17.82 5.85
N ARG B 138 2.67 17.35 4.59
CA ARG B 138 1.45 17.46 3.80
C ARG B 138 0.35 16.56 4.33
N CYS B 139 0.63 15.26 4.49
CA CYS B 139 -0.41 14.34 4.96
C CYS B 139 -0.92 14.76 6.34
N ALA B 140 -0.11 15.47 7.13
CA ALA B 140 -0.63 16.03 8.37
C ALA B 140 -1.53 17.24 8.08
N ARG B 141 -0.99 18.25 7.39
CA ARG B 141 -1.70 19.51 7.20
C ARG B 141 -2.94 19.33 6.34
N LEU B 142 -2.81 18.55 5.27
CA LEU B 142 -3.82 18.50 4.22
C LEU B 142 -4.85 17.40 4.46
N HIS B 143 -4.52 16.38 5.24
CA HIS B 143 -5.45 15.27 5.40
C HIS B 143 -5.88 15.05 6.84
N PHE B 144 -4.97 14.68 7.73
CA PHE B 144 -5.39 14.29 9.08
C PHE B 144 -5.95 15.47 9.86
N SER B 145 -5.55 16.70 9.53
CA SER B 145 -6.07 17.88 10.21
C SER B 145 -7.59 18.01 10.04
N LYS B 146 -8.15 17.44 8.98
CA LYS B 146 -9.60 17.51 8.79
C LYS B 146 -10.34 16.68 9.82
N TYR B 147 -9.66 15.80 10.55
CA TYR B 147 -10.27 15.07 11.64
C TYR B 147 -10.18 15.83 12.97
N ASN B 148 -9.83 17.13 12.93
CA ASN B 148 -9.68 17.96 14.14
C ASN B 148 -8.54 17.50 15.01
N ILE B 149 -7.48 17.00 14.38
CA ILE B 149 -6.20 16.76 15.03
C ILE B 149 -5.36 18.01 14.80
N ASP B 150 -4.76 18.54 15.87
CA ASP B 150 -3.96 19.76 15.78
C ASP B 150 -2.48 19.40 15.64
N PHE B 151 -1.91 19.66 14.47
CA PHE B 151 -0.49 19.44 14.21
C PHE B 151 0.22 20.78 14.38
N GLU B 152 1.17 20.82 15.31
CA GLU B 152 1.96 22.01 15.56
C GLU B 152 3.40 21.77 15.09
N PHE B 153 3.89 22.65 14.23
CA PHE B 153 5.20 22.49 13.60
C PHE B 153 6.19 23.42 14.30
N ILE B 154 7.23 22.84 14.91
CA ILE B 154 8.18 23.59 15.73
C ILE B 154 9.60 23.18 15.39
N ASP B 155 10.55 23.95 15.95
CA ASP B 155 11.97 23.73 15.75
C ASP B 155 12.49 22.70 16.74
N PHE B 156 12.86 21.52 16.23
CA PHE B 156 13.31 20.42 17.05
C PHE B 156 14.80 20.48 17.37
N ARG B 157 15.52 21.48 16.86
CA ARG B 157 16.96 21.55 17.10
C ARG B 157 17.28 21.75 18.58
N ASP B 158 16.41 22.43 19.29
CA ASP B 158 16.54 22.61 20.73
C ASP B 158 15.49 21.78 21.42
N PRO B 159 15.85 20.75 22.18
CA PRO B 159 14.82 19.87 22.78
C PRO B 159 13.92 20.57 23.77
N THR B 160 14.37 21.69 24.36
CA THR B 160 13.50 22.39 25.30
C THR B 160 12.30 23.03 24.59
N ASN B 161 12.47 23.37 23.31
CA ASN B 161 11.31 23.76 22.49
C ASN B 161 10.23 22.68 22.54
N VAL B 162 10.63 21.42 22.38
CA VAL B 162 9.68 20.31 22.46
C VAL B 162 9.08 20.24 23.85
N GLU B 163 9.94 20.34 24.87
CA GLU B 163 9.45 20.20 26.23
C GLU B 163 8.33 21.20 26.52
N LYS B 164 8.55 22.46 26.20
CA LYS B 164 7.59 23.48 26.57
C LYS B 164 6.50 23.68 25.51
N ALA B 165 6.60 23.04 24.35
CA ALA B 165 5.49 23.03 23.40
C ALA B 165 4.50 21.91 23.68
N ILE B 166 4.82 20.96 24.57
CA ILE B 166 3.91 19.86 24.86
C ILE B 166 2.73 20.42 25.66
N ARG B 167 1.54 20.33 25.07
CA ARG B 167 0.28 20.67 25.69
C ARG B 167 -0.36 19.41 26.29
N PRO B 168 -1.41 19.54 27.11
CA PRO B 168 -1.97 18.32 27.72
C PRO B 168 -2.69 17.41 26.72
N GLN B 169 -3.02 17.89 25.54
CA GLN B 169 -3.60 17.05 24.50
C GLN B 169 -2.55 16.32 23.67
N THR B 170 -1.27 16.59 23.89
CA THR B 170 -0.21 15.99 23.08
C THR B 170 -0.19 14.48 23.25
N LYS B 171 -0.33 13.75 22.13
CA LYS B 171 -0.21 12.30 22.12
C LYS B 171 1.06 11.81 21.44
N VAL B 172 1.55 12.54 20.44
CA VAL B 172 2.68 12.11 19.60
C VAL B 172 3.64 13.27 19.40
N VAL B 173 4.93 12.96 19.49
CA VAL B 173 6.02 13.83 19.10
C VAL B 173 6.73 13.13 17.95
N PHE B 174 6.79 13.77 16.78
CA PHE B 174 7.28 13.17 15.55
C PHE B 174 8.56 13.89 15.12
N SER B 175 9.71 13.27 15.37
CA SER B 175 10.98 13.86 15.01
C SER B 175 11.51 13.22 13.73
N GLU B 176 12.51 13.87 13.15
CA GLU B 176 13.21 13.38 11.98
C GLU B 176 14.66 13.82 12.09
N SER B 177 15.58 12.92 11.82
CA SER B 177 16.98 13.33 11.93
C SER B 177 17.86 12.39 11.12
N PRO B 178 18.71 12.92 10.22
CA PRO B 178 18.69 14.31 9.73
C PRO B 178 17.42 14.61 8.96
N CYS B 179 17.07 15.89 8.86
CA CYS B 179 15.82 16.33 8.24
C CYS B 179 15.95 16.38 6.72
N ASN B 180 14.87 16.06 6.03
CA ASN B 180 14.79 16.18 4.58
C ASN B 180 14.19 17.53 4.22
N PRO B 181 14.91 18.43 3.54
CA PRO B 181 16.23 18.32 2.92
C PRO B 181 17.33 19.13 3.61
N THR B 182 17.00 19.81 4.72
CA THR B 182 17.93 20.76 5.31
C THR B 182 19.01 20.10 6.16
N LEU B 183 18.80 18.83 6.55
CA LEU B 183 19.77 18.05 7.33
C LEU B 183 19.92 18.59 8.77
N TYR B 184 18.93 19.33 9.25
CA TYR B 184 18.89 19.65 10.68
C TYR B 184 18.84 18.38 11.50
N LEU B 185 19.46 18.38 12.67
CA LEU B 185 19.44 17.23 13.55
C LEU B 185 18.50 17.49 14.72
N ALA B 186 18.00 16.42 15.30
CA ALA B 186 17.20 16.48 16.53
C ALA B 186 17.84 15.53 17.53
N ASP B 187 17.96 15.99 18.78
CA ASP B 187 18.59 15.18 19.83
C ASP B 187 17.63 14.10 20.30
N ILE B 188 17.74 12.92 19.70
CA ILE B 188 16.74 11.86 19.91
C ILE B 188 16.71 11.43 21.37
N GLU B 189 17.89 11.24 21.99
CA GLU B 189 17.92 10.84 23.39
C GLU B 189 17.25 11.88 24.29
N ALA B 190 17.56 13.16 24.10
CA ALA B 190 16.98 14.21 24.94
C ALA B 190 15.48 14.31 24.74
N ILE B 191 15.03 14.26 23.50
CA ILE B 191 13.60 14.31 23.22
C ILE B 191 12.88 13.10 23.81
N SER B 192 13.50 11.91 23.74
CA SER B 192 12.89 10.73 24.34
C SER B 192 12.80 10.84 25.86
N GLN B 193 13.81 11.44 26.50
CA GLN B 193 13.69 11.65 27.95
C GLN B 193 12.51 12.58 28.26
N ILE B 194 12.38 13.67 27.50
CA ILE B 194 11.24 14.56 27.68
C ILE B 194 9.92 13.82 27.46
N CYS B 195 9.83 12.98 26.42
CA CYS B 195 8.58 12.30 26.11
C CYS B 195 8.22 11.25 27.16
N LYS B 196 9.21 10.53 27.68
CA LYS B 196 8.90 9.57 28.75
C LYS B 196 8.43 10.29 30.01
N GLU B 197 9.06 11.42 30.35
CA GLU B 197 8.62 12.18 31.53
C GLU B 197 7.18 12.66 31.38
N LYS B 198 6.78 13.07 30.18
CA LYS B 198 5.45 13.62 29.97
C LYS B 198 4.47 12.57 29.44
N LYS B 199 4.91 11.32 29.30
CA LYS B 199 4.05 10.20 28.90
C LYS B 199 3.43 10.43 27.51
N VAL B 200 4.28 10.82 26.55
CA VAL B 200 3.87 11.02 25.17
C VAL B 200 4.68 10.09 24.27
N LEU B 201 4.09 9.72 23.15
CA LEU B 201 4.74 8.77 22.24
C LEU B 201 5.77 9.49 21.38
N HIS B 202 7.00 8.97 21.34
CA HIS B 202 8.05 9.53 20.49
C HIS B 202 8.26 8.64 19.26
N VAL B 203 7.97 9.21 18.09
CA VAL B 203 8.14 8.56 16.80
C VAL B 203 9.26 9.28 16.06
N CYS B 204 10.20 8.53 15.50
CA CYS B 204 11.34 9.16 14.84
C CYS B 204 11.50 8.57 13.44
N ASP B 205 11.57 9.43 12.44
CA ASP B 205 11.82 9.05 11.05
C ASP B 205 13.33 9.15 10.81
N SER B 206 14.00 8.00 10.81
CA SER B 206 15.45 8.01 10.67
C SER B 206 15.87 7.53 9.28
N THR B 207 15.02 7.79 8.28
CA THR B 207 15.32 7.39 6.89
C THR B 207 16.68 7.89 6.44
N PHE B 208 17.00 9.16 6.71
CA PHE B 208 18.26 9.71 6.21
C PHE B 208 19.47 9.13 6.94
N ALA B 209 19.27 8.63 8.16
CA ALA B 209 20.40 8.18 8.96
C ALA B 209 20.81 6.74 8.63
N THR B 210 19.81 5.85 8.46
CA THR B 210 19.90 4.39 8.42
C THR B 210 20.31 3.89 9.81
N PRO B 211 19.94 2.66 10.16
CA PRO B 211 20.36 2.11 11.47
C PRO B 211 21.86 1.93 11.60
N TYR B 212 22.60 1.96 10.48
CA TYR B 212 24.05 1.86 10.57
C TYR B 212 24.65 3.12 11.21
N MET B 213 24.00 4.27 11.04
CA MET B 213 24.47 5.52 11.62
C MET B 213 23.77 5.88 12.94
N MET B 214 22.48 5.57 13.06
CA MET B 214 21.71 5.97 14.24
C MET B 214 20.47 5.11 14.38
N ARG B 215 20.31 4.50 15.55
CA ARG B 215 19.11 3.71 15.86
C ARG B 215 18.27 4.44 16.91
N PRO B 216 17.18 5.12 16.53
CA PRO B 216 16.40 5.86 17.54
C PRO B 216 15.86 5.00 18.68
N LEU B 217 15.57 3.71 18.45
CA LEU B 217 15.08 2.88 19.54
C LEU B 217 16.15 2.69 20.62
N ASP B 218 17.42 2.63 20.23
CA ASP B 218 18.50 2.61 21.22
C ASP B 218 18.55 3.89 22.02
N LEU B 219 18.09 5.01 21.43
CA LEU B 219 18.11 6.31 22.09
C LEU B 219 16.78 6.64 22.75
N GLY B 220 15.93 5.64 22.97
CA GLY B 220 14.71 5.84 23.76
C GLY B 220 13.45 6.13 22.98
N ALA B 221 13.49 6.17 21.65
CA ALA B 221 12.27 6.44 20.91
C ALA B 221 11.29 5.27 21.07
N ASP B 222 10.00 5.56 20.94
CA ASP B 222 8.99 4.53 21.07
C ASP B 222 8.75 3.82 19.74
N ILE B 223 8.84 4.56 18.64
CA ILE B 223 8.59 4.01 17.30
C ILE B 223 9.60 4.61 16.33
N VAL B 224 10.09 3.78 15.41
CA VAL B 224 10.89 4.27 14.29
C VAL B 224 10.10 4.08 13.00
N VAL B 225 10.11 5.07 12.13
N VAL B 225 10.12 5.10 12.14
CA VAL B 225 9.54 4.89 10.79
CA VAL B 225 9.60 5.03 10.77
C VAL B 225 10.66 5.04 9.77
C VAL B 225 10.78 4.97 9.83
N GLN B 226 10.68 4.12 8.80
CA GLN B 226 11.69 4.09 7.75
C GLN B 226 10.99 4.12 6.40
N SER B 227 11.51 4.91 5.48
CA SER B 227 11.25 4.66 4.07
C SER B 227 12.34 3.69 3.61
N THR B 228 11.97 2.41 3.45
CA THR B 228 12.97 1.46 2.95
C THR B 228 13.30 1.73 1.49
N THR B 229 12.47 2.51 0.79
CA THR B 229 12.74 2.95 -0.58
C THR B 229 14.17 3.48 -0.74
N LYS B 230 14.70 4.14 0.29
CA LYS B 230 15.87 4.98 0.11
C LYS B 230 17.16 4.19 0.30
N TYR B 231 17.58 3.96 1.54
CA TYR B 231 18.85 3.31 1.81
C TYR B 231 18.70 1.80 2.01
N TYR B 232 17.62 1.34 2.64
CA TYR B 232 17.44 -0.10 2.81
C TYR B 232 17.53 -0.81 1.46
N ASP B 233 16.81 -0.27 0.47
CA ASP B 233 16.91 -0.67 -0.91
C ASP B 233 18.23 -0.18 -1.48
N GLY B 234 18.38 1.13 -1.60
CA GLY B 234 19.66 1.68 -2.04
C GLY B 234 20.00 1.44 -3.49
N HIS B 235 19.07 0.89 -4.25
CA HIS B 235 19.35 0.61 -5.66
C HIS B 235 18.29 1.19 -6.59
N ASN B 236 17.43 2.10 -6.12
CA ASN B 236 16.37 2.71 -6.95
C ASN B 236 15.39 1.66 -7.49
N CYS B 237 15.24 0.55 -6.78
CA CYS B 237 14.53 -0.60 -7.32
C CYS B 237 13.10 -0.68 -6.81
N THR B 238 12.89 -0.64 -5.49
CA THR B 238 11.56 -0.85 -4.91
C THR B 238 11.11 0.35 -4.11
N LEU B 239 9.81 0.45 -3.92
CA LEU B 239 9.22 1.27 -2.87
C LEU B 239 8.94 0.41 -1.63
N GLY B 240 9.12 1.01 -0.47
CA GLY B 240 8.74 0.33 0.75
C GLY B 240 8.81 1.18 2.00
N GLY B 241 8.15 0.71 3.06
CA GLY B 241 8.23 1.39 4.34
C GLY B 241 8.28 0.37 5.49
N ALA B 242 8.68 0.86 6.65
CA ALA B 242 8.72 0.00 7.83
C ALA B 242 8.37 0.82 9.06
N VAL B 243 7.67 0.18 9.99
CA VAL B 243 7.46 0.71 11.33
C VAL B 243 8.10 -0.27 12.29
N ILE B 244 9.03 0.19 13.11
CA ILE B 244 9.66 -0.66 14.12
C ILE B 244 9.21 -0.17 15.48
N SER B 245 8.62 -1.08 16.26
CA SER B 245 7.99 -0.73 17.53
C SER B 245 8.82 -1.21 18.72
N SER B 246 8.90 -0.37 19.74
CA SER B 246 9.67 -0.71 20.94
C SER B 246 8.99 -1.80 21.77
N THR B 247 7.67 -1.93 21.71
CA THR B 247 6.98 -2.86 22.60
C THR B 247 5.98 -3.70 21.82
N LYS B 248 5.57 -4.80 22.46
CA LYS B 248 4.52 -5.65 21.89
C LYS B 248 3.18 -4.90 21.78
N GLU B 249 2.84 -4.08 22.78
CA GLU B 249 1.55 -3.37 22.72
C GLU B 249 1.50 -2.44 21.51
N ILE B 250 2.57 -1.70 21.24
CA ILE B 250 2.60 -0.81 20.08
C ILE B 250 2.58 -1.62 18.79
N HIS B 251 3.42 -2.66 18.73
CA HIS B 251 3.53 -3.48 17.53
C HIS B 251 2.18 -4.07 17.13
N ASP B 252 1.44 -4.62 18.10
CA ASP B 252 0.16 -5.26 17.80
C ASP B 252 -0.85 -4.26 17.24
N LYS B 253 -0.84 -3.03 17.76
CA LYS B 253 -1.71 -1.98 17.23
C LYS B 253 -1.38 -1.67 15.77
N VAL B 254 -0.08 -1.53 15.47
CA VAL B 254 0.33 -1.23 14.10
C VAL B 254 -0.06 -2.36 13.15
N PHE B 255 0.19 -3.61 13.57
CA PHE B 255 -0.12 -4.78 12.75
C PHE B 255 -1.61 -4.88 12.45
N PHE B 256 -2.44 -4.73 13.48
CA PHE B 256 -3.89 -4.73 13.31
C PHE B 256 -4.32 -3.69 12.29
N LEU B 257 -3.83 -2.46 12.44
CA LEU B 257 -4.31 -1.41 11.55
C LEU B 257 -3.75 -1.57 10.14
N ARG B 258 -2.55 -2.14 9.99
CA ARG B 258 -2.04 -2.44 8.65
C ARG B 258 -2.97 -3.40 7.92
N ASN B 259 -3.46 -4.43 8.63
CA ASN B 259 -4.42 -5.33 8.01
C ASN B 259 -5.69 -4.59 7.60
N VAL B 260 -6.15 -3.64 8.42
CA VAL B 260 -7.37 -2.91 8.08
C VAL B 260 -7.15 -1.99 6.88
N MET B 261 -6.00 -1.32 6.82
CA MET B 261 -5.76 -0.32 5.79
C MET B 261 -5.25 -0.91 4.48
N GLY B 262 -4.87 -2.19 4.47
CA GLY B 262 -4.48 -2.88 3.24
C GLY B 262 -3.23 -2.33 2.58
N ASN B 263 -2.24 -1.90 3.38
CA ASN B 263 -1.07 -1.24 2.82
C ASN B 263 0.22 -2.02 3.11
N ILE B 264 0.09 -3.34 3.34
CA ILE B 264 1.25 -4.20 3.55
C ILE B 264 2.18 -4.19 2.34
N MET B 265 3.47 -4.46 2.59
CA MET B 265 4.45 -4.68 1.53
C MET B 265 4.15 -6.00 0.79
N SER B 266 4.57 -6.06 -0.46
CA SER B 266 4.42 -7.28 -1.25
C SER B 266 5.59 -8.24 -1.05
N ALA B 267 5.34 -9.53 -1.29
CA ALA B 267 6.40 -10.55 -1.16
C ALA B 267 7.58 -10.26 -2.06
N GLN B 268 7.33 -9.83 -3.31
CA GLN B 268 8.44 -9.57 -4.22
C GLN B 268 9.29 -8.40 -3.74
N THR B 269 8.65 -7.31 -3.28
CA THR B 269 9.41 -6.19 -2.73
C THR B 269 10.21 -6.63 -1.50
N ALA B 270 9.61 -7.47 -0.65
CA ALA B 270 10.35 -7.96 0.52
C ALA B 270 11.55 -8.79 0.10
N PHE B 271 11.42 -9.61 -0.95
CA PHE B 271 12.58 -10.37 -1.44
C PHE B 271 13.68 -9.43 -1.91
N TYR B 272 13.33 -8.43 -2.73
CA TYR B 272 14.34 -7.45 -3.18
C TYR B 272 15.03 -6.81 -1.98
N THR B 273 14.27 -6.40 -0.96
CA THR B 273 14.88 -5.67 0.16
C THR B 273 15.69 -6.60 1.05
N LEU B 274 15.25 -7.85 1.21
CA LEU B 274 16.07 -8.84 1.91
C LEU B 274 17.43 -8.96 1.23
N LEU B 275 17.44 -8.86 -0.09
CA LEU B 275 18.71 -8.95 -0.81
C LEU B 275 19.55 -7.68 -0.65
N THR B 276 18.95 -6.51 -0.85
CA THR B 276 19.76 -5.29 -0.87
C THR B 276 20.25 -4.91 0.52
N LEU B 277 19.51 -5.28 1.58
CA LEU B 277 19.93 -4.95 2.93
C LEU B 277 21.27 -5.58 3.30
N LYS B 278 21.63 -6.70 2.66
N LYS B 278 21.63 -6.70 2.67
CA LYS B 278 22.87 -7.38 3.01
CA LYS B 278 22.88 -7.40 2.99
C LYS B 278 24.09 -6.48 2.82
C LYS B 278 24.08 -6.48 2.81
N THR B 279 24.04 -5.55 1.85
CA THR B 279 25.16 -4.66 1.58
C THR B 279 24.98 -3.27 2.18
N LEU B 280 23.98 -3.03 3.03
CA LEU B 280 23.78 -1.67 3.54
C LEU B 280 25.03 -1.13 4.23
N PRO B 281 25.71 -1.86 5.14
CA PRO B 281 26.93 -1.28 5.74
C PRO B 281 27.99 -0.87 4.73
N ILE B 282 28.34 -1.74 3.77
CA ILE B 282 29.43 -1.34 2.87
C ILE B 282 28.97 -0.24 1.91
N ARG B 283 27.70 -0.25 1.51
CA ARG B 283 27.18 0.84 0.69
C ARG B 283 27.27 2.17 1.44
N VAL B 284 26.70 2.23 2.65
CA VAL B 284 26.68 3.49 3.40
C VAL B 284 28.09 3.95 3.72
N GLU B 285 29.02 3.01 3.97
CA GLU B 285 30.41 3.41 4.20
C GLU B 285 30.99 4.10 2.96
N LYS B 286 30.77 3.52 1.77
CA LYS B 286 31.30 4.12 0.54
C LYS B 286 30.63 5.46 0.22
N GLN B 287 29.30 5.49 0.32
CA GLN B 287 28.55 6.72 0.09
C GLN B 287 29.02 7.83 1.03
N SER B 288 29.28 7.49 2.29
CA SER B 288 29.61 8.48 3.29
C SER B 288 31.03 8.99 3.09
N ALA B 289 31.97 8.09 2.76
CA ALA B 289 33.31 8.52 2.36
C ALA B 289 33.27 9.46 1.15
N ASN B 290 32.53 9.10 0.11
CA ASN B 290 32.37 10.01 -1.03
C ASN B 290 31.78 11.35 -0.60
N ALA B 291 30.76 11.31 0.27
CA ALA B 291 30.05 12.53 0.63
C ALA B 291 30.95 13.49 1.42
N GLN B 292 31.76 12.94 2.33
CA GLN B 292 32.72 13.78 3.06
C GLN B 292 33.65 14.52 2.08
N LYS B 293 34.20 13.80 1.08
CA LYS B 293 35.11 14.41 0.11
C LYS B 293 34.39 15.44 -0.75
N ILE B 294 33.15 15.16 -1.14
CA ILE B 294 32.40 16.10 -1.95
C ILE B 294 32.08 17.37 -1.16
N ALA B 295 31.68 17.21 0.11
CA ALA B 295 31.36 18.37 0.94
C ALA B 295 32.59 19.24 1.20
N GLU B 296 33.75 18.61 1.42
CA GLU B 296 34.99 19.38 1.53
C GLU B 296 35.30 20.16 0.25
N PHE B 297 35.20 19.47 -0.90
CA PHE B 297 35.39 20.12 -2.19
C PHE B 297 34.45 21.32 -2.34
N LEU B 298 33.16 21.13 -2.04
CA LEU B 298 32.20 22.23 -2.18
C LEU B 298 32.50 23.36 -1.22
N SER B 299 32.96 23.04 -0.01
CA SER B 299 33.18 24.08 0.98
C SER B 299 34.38 24.95 0.61
N LYS B 300 35.25 24.46 -0.27
CA LYS B 300 36.34 25.30 -0.74
C LYS B 300 36.04 26.01 -2.06
N HIS B 301 34.89 25.75 -2.69
CA HIS B 301 34.64 26.22 -4.05
C HIS B 301 34.15 27.66 -4.09
N HIS B 302 34.77 28.46 -4.96
CA HIS B 302 34.51 29.90 -4.97
C HIS B 302 33.13 30.27 -5.51
N LYS B 303 32.38 29.35 -6.09
CA LYS B 303 31.02 29.65 -6.53
C LYS B 303 29.95 29.03 -5.63
N VAL B 304 30.35 28.48 -4.49
CA VAL B 304 29.43 27.84 -3.55
C VAL B 304 29.29 28.74 -2.33
N GLU B 305 28.05 29.03 -1.96
CA GLU B 305 27.77 29.99 -0.88
C GLU B 305 27.83 29.33 0.48
N HIS B 306 27.12 28.20 0.64
CA HIS B 306 27.07 27.44 1.86
C HIS B 306 27.06 25.95 1.52
N VAL B 307 27.65 25.15 2.40
CA VAL B 307 27.60 23.70 2.32
C VAL B 307 27.11 23.16 3.66
N ILE B 308 26.20 22.19 3.60
CA ILE B 308 25.63 21.55 4.77
C ILE B 308 25.95 20.07 4.68
N TYR B 309 26.72 19.56 5.64
CA TYR B 309 27.04 18.15 5.73
C TYR B 309 27.41 17.91 7.19
N PRO B 310 26.84 16.90 7.86
CA PRO B 310 27.10 16.74 9.30
C PRO B 310 28.56 16.43 9.62
N GLY B 311 29.37 16.02 8.63
CA GLY B 311 30.76 15.72 8.87
C GLY B 311 31.79 16.81 8.58
N ILE B 312 31.40 17.97 8.07
CA ILE B 312 32.42 18.99 7.83
C ILE B 312 32.53 19.86 9.07
N PRO B 313 33.68 20.49 9.32
CA PRO B 313 33.90 21.10 10.64
C PRO B 313 32.99 22.28 10.92
N SER B 314 32.46 22.95 9.89
CA SER B 314 31.57 24.10 10.09
C SER B 314 30.11 23.74 10.35
N PHE B 315 29.75 22.45 10.34
CA PHE B 315 28.35 22.07 10.54
C PHE B 315 27.80 22.70 11.82
N PRO B 316 26.66 23.42 11.78
CA PRO B 316 26.19 24.11 12.98
C PRO B 316 25.85 23.19 14.15
N GLN B 317 25.39 21.98 13.90
CA GLN B 317 25.07 21.04 14.97
C GLN B 317 26.14 19.96 15.09
N LYS B 318 27.40 20.36 14.90
CA LYS B 318 28.52 19.42 14.94
C LYS B 318 28.54 18.60 16.22
N GLU B 319 28.32 19.23 17.38
CA GLU B 319 28.45 18.48 18.61
C GLU B 319 27.38 17.39 18.72
N LEU B 320 26.15 17.71 18.31
CA LEU B 320 25.12 16.67 18.32
C LEU B 320 25.42 15.59 17.28
N ALA B 321 25.94 15.97 16.11
CA ALA B 321 26.32 14.97 15.11
C ALA B 321 27.35 13.99 15.68
N LEU B 322 28.36 14.52 16.38
CA LEU B 322 29.39 13.64 16.92
C LEU B 322 28.85 12.77 18.05
N LYS B 323 27.82 13.26 18.75
CA LYS B 323 27.22 12.47 19.83
C LYS B 323 26.34 11.35 19.29
N GLN B 324 25.63 11.60 18.19
CA GLN B 324 24.49 10.80 17.77
C GLN B 324 24.74 9.96 16.51
N HIS B 325 25.80 10.23 15.76
CA HIS B 325 26.11 9.46 14.56
C HIS B 325 27.23 8.45 14.84
N LYS B 326 26.96 7.19 14.49
CA LYS B 326 27.96 6.12 14.55
C LYS B 326 28.52 5.87 13.16
N ASN B 327 29.85 5.64 13.09
CA ASN B 327 30.57 5.21 11.90
C ASN B 327 30.78 6.27 10.84
N VAL B 328 29.72 6.98 10.47
CA VAL B 328 29.68 7.81 9.28
C VAL B 328 28.82 9.03 9.57
N HIS B 329 28.79 9.97 8.63
CA HIS B 329 27.87 11.09 8.70
C HIS B 329 26.89 11.09 7.52
N GLY B 330 26.85 10.01 6.76
CA GLY B 330 25.78 9.79 5.80
C GLY B 330 26.11 10.18 4.38
N GLY B 331 25.22 9.83 3.47
CA GLY B 331 25.38 10.13 2.06
C GLY B 331 24.68 11.39 1.59
N MET B 332 23.97 12.10 2.47
CA MET B 332 23.20 13.26 2.09
C MET B 332 23.98 14.53 2.41
N LEU B 333 23.97 15.48 1.49
CA LEU B 333 24.52 16.80 1.73
C LEU B 333 23.68 17.82 1.00
N ALA B 334 23.96 19.09 1.25
CA ALA B 334 23.23 20.14 0.56
C ALA B 334 24.16 21.32 0.38
N PHE B 335 23.83 22.17 -0.60
CA PHE B 335 24.63 23.37 -0.79
C PHE B 335 23.84 24.42 -1.56
N GLU B 336 24.32 25.65 -1.49
CA GLU B 336 23.73 26.77 -2.21
C GLU B 336 24.78 27.37 -3.13
N VAL B 337 24.41 27.61 -4.37
CA VAL B 337 25.33 28.22 -5.32
C VAL B 337 25.15 29.73 -5.28
N LYS B 338 26.26 30.45 -5.41
CA LYS B 338 26.24 31.91 -5.44
C LYS B 338 25.48 32.39 -6.67
N GLY B 339 24.68 33.44 -6.50
CA GLY B 339 23.91 34.01 -7.59
C GLY B 339 22.43 33.76 -7.51
N GLY B 340 21.96 33.06 -6.49
CA GLY B 340 20.52 32.87 -6.31
C GLY B 340 19.92 31.83 -7.24
N THR B 341 18.68 32.09 -7.66
CA THR B 341 17.90 31.08 -8.36
C THR B 341 18.46 30.81 -9.76
N GLU B 342 18.76 31.86 -10.52
CA GLU B 342 19.20 31.67 -11.89
C GLU B 342 20.46 30.80 -11.93
N ALA B 343 21.39 31.03 -11.01
CA ALA B 343 22.63 30.26 -11.00
C ALA B 343 22.39 28.81 -10.61
N GLY B 344 21.50 28.59 -9.64
CA GLY B 344 21.18 27.22 -9.24
C GLY B 344 20.53 26.44 -10.36
N ILE B 345 19.59 27.08 -11.07
CA ILE B 345 18.92 26.44 -12.19
C ILE B 345 19.91 26.10 -13.30
N ARG B 346 20.81 27.04 -13.60
CA ARG B 346 21.78 26.78 -14.67
C ARG B 346 22.74 25.66 -14.26
N MET B 347 23.13 25.61 -12.99
CA MET B 347 23.97 24.53 -12.53
C MET B 347 23.25 23.18 -12.67
N MET B 348 21.96 23.13 -12.30
CA MET B 348 21.18 21.91 -12.48
C MET B 348 21.14 21.48 -13.93
N ASN B 349 20.80 22.41 -14.82
CA ASN B 349 20.71 22.06 -16.22
C ASN B 349 22.04 21.63 -16.81
N HIS B 350 23.17 21.89 -16.13
CA HIS B 350 24.44 21.51 -16.70
C HIS B 350 25.20 20.42 -15.94
N VAL B 351 24.59 19.76 -14.96
CA VAL B 351 25.36 18.74 -14.24
C VAL B 351 25.37 17.46 -15.09
N PRO B 352 26.54 16.95 -15.45
CA PRO B 352 26.59 15.82 -16.37
C PRO B 352 26.51 14.49 -15.64
N ARG B 353 26.36 13.43 -16.44
CA ARG B 353 26.56 12.10 -15.91
C ARG B 353 27.98 12.00 -15.35
N PRO B 354 28.19 11.22 -14.29
CA PRO B 354 27.30 10.20 -13.73
C PRO B 354 26.15 10.70 -12.84
N TRP B 355 26.02 12.00 -12.59
CA TRP B 355 24.92 12.53 -11.81
C TRP B 355 23.59 12.32 -12.53
N SER B 356 22.53 12.14 -11.73
CA SER B 356 21.17 12.06 -12.23
C SER B 356 20.35 13.20 -11.63
N LEU B 357 19.57 13.89 -12.48
CA LEU B 357 18.69 14.97 -12.03
C LEU B 357 17.30 14.40 -11.80
N CYS B 358 16.92 14.21 -10.54
CA CYS B 358 15.65 13.54 -10.27
C CYS B 358 15.38 13.58 -8.76
N GLU B 359 14.18 13.12 -8.39
CA GLU B 359 13.80 12.98 -7.00
C GLU B 359 14.39 11.70 -6.40
N SER B 360 14.13 11.52 -5.11
CA SER B 360 14.56 10.40 -4.27
C SER B 360 16.05 10.49 -3.95
N LEU B 361 16.57 9.48 -3.26
CA LEU B 361 17.87 9.55 -2.60
C LEU B 361 18.21 8.19 -2.04
N GLY B 362 19.45 8.04 -1.58
CA GLY B 362 19.90 6.85 -0.88
C GLY B 362 20.54 5.79 -1.76
N ALA B 363 20.62 6.01 -3.06
CA ALA B 363 20.90 4.94 -4.00
C ALA B 363 22.37 4.90 -4.42
N CYS B 364 22.78 3.75 -4.97
CA CYS B 364 24.07 3.61 -5.62
C CYS B 364 24.32 4.73 -6.64
N GLU B 365 23.27 5.18 -7.32
CA GLU B 365 23.39 6.22 -8.32
C GLU B 365 23.28 7.60 -7.66
N SER B 366 24.29 8.45 -7.87
CA SER B 366 24.27 9.78 -7.27
C SER B 366 23.15 10.61 -7.88
N ILE B 367 22.45 11.36 -7.04
CA ILE B 367 21.26 12.10 -7.42
C ILE B 367 21.40 13.54 -6.95
N ILE B 368 20.90 14.46 -7.75
CA ILE B 368 20.93 15.86 -7.38
C ILE B 368 19.57 16.47 -7.71
N THR B 369 19.11 17.36 -6.85
CA THR B 369 17.84 18.03 -7.14
C THR B 369 17.68 19.35 -6.40
N CYS B 370 16.66 20.12 -6.84
CA CYS B 370 16.18 21.36 -6.23
C CYS B 370 14.90 21.08 -5.45
N PRO B 371 14.93 21.10 -4.12
CA PRO B 371 13.68 20.87 -3.36
C PRO B 371 12.59 21.90 -3.62
N ALA B 372 12.96 23.07 -4.17
CA ALA B 372 11.96 24.11 -4.41
C ALA B 372 10.91 23.65 -5.42
N VAL B 373 11.32 22.89 -6.41
CA VAL B 373 10.44 22.48 -7.51
C VAL B 373 10.00 21.04 -7.34
N PHE B 374 10.91 20.21 -6.83
CA PHE B 374 10.77 18.77 -6.95
C PHE B 374 9.98 18.17 -5.81
N THR B 375 10.21 18.64 -4.58
CA THR B 375 9.55 18.06 -3.41
C THR B 375 8.76 19.08 -2.61
N HIS B 376 9.36 20.21 -2.27
CA HIS B 376 8.68 21.22 -1.43
C HIS B 376 8.09 22.33 -2.29
N ALA B 377 7.34 21.95 -3.33
CA ALA B 377 6.76 22.94 -4.23
C ALA B 377 5.43 23.48 -3.71
N ASN B 378 4.67 22.66 -2.98
CA ASN B 378 3.42 23.14 -2.41
C ASN B 378 3.63 23.91 -1.12
N MET B 379 4.87 24.09 -0.68
CA MET B 379 5.18 25.00 0.41
C MET B 379 5.47 26.38 -0.17
N LEU B 380 4.67 27.36 0.22
CA LEU B 380 4.78 28.72 -0.29
C LEU B 380 6.18 29.27 -0.02
N ARG B 381 6.67 30.12 -0.94
CA ARG B 381 8.06 30.58 -0.89
C ARG B 381 8.42 31.18 0.48
N GLU B 382 7.51 31.94 1.08
CA GLU B 382 7.82 32.55 2.37
C GLU B 382 8.13 31.48 3.42
N ASP B 383 7.26 30.48 3.54
CA ASP B 383 7.54 29.36 4.45
C ASP B 383 8.74 28.56 3.97
N ARG B 384 8.84 28.31 2.66
CA ARG B 384 10.00 27.65 2.06
C ARG B 384 11.29 28.22 2.61
N LEU B 385 11.40 29.56 2.64
CA LEU B 385 12.61 30.22 3.12
C LEU B 385 12.71 30.15 4.64
N LYS B 386 11.57 30.37 5.33
CA LYS B 386 11.58 30.28 6.79
C LYS B 386 12.15 28.95 7.26
N VAL B 387 11.87 27.88 6.52
CA VAL B 387 12.39 26.55 6.85
C VAL B 387 13.90 26.52 6.67
N GLY B 388 14.39 26.99 5.52
CA GLY B 388 15.78 26.87 5.18
C GLY B 388 15.96 26.51 3.72
N ILE B 389 14.84 26.19 3.06
CA ILE B 389 14.87 25.85 1.64
C ILE B 389 14.96 27.13 0.82
N THR B 390 16.17 27.56 0.54
CA THR B 390 16.38 28.82 -0.15
C THR B 390 16.28 28.63 -1.67
N ASP B 391 16.47 29.74 -2.37
CA ASP B 391 16.32 29.75 -3.82
C ASP B 391 17.37 28.88 -4.49
N GLY B 392 18.64 29.08 -4.14
CA GLY B 392 19.73 28.35 -4.73
C GLY B 392 20.04 27.02 -4.06
N PHE B 393 19.11 26.50 -3.25
CA PHE B 393 19.36 25.34 -2.41
C PHE B 393 19.31 24.05 -3.23
N ILE B 394 20.29 23.18 -3.02
CA ILE B 394 20.47 21.98 -3.81
C ILE B 394 20.68 20.81 -2.86
N ARG B 395 19.85 19.77 -2.99
CA ARG B 395 19.99 18.55 -2.20
C ARG B 395 20.75 17.51 -3.00
N VAL B 396 21.73 16.88 -2.37
CA VAL B 396 22.65 15.96 -3.03
C VAL B 396 22.59 14.64 -2.29
N SER B 397 22.30 13.56 -3.02
CA SER B 397 22.39 12.21 -2.50
C SER B 397 23.59 11.55 -3.16
N VAL B 398 24.59 11.18 -2.36
CA VAL B 398 25.83 10.67 -2.92
C VAL B 398 25.78 9.15 -3.04
N GLY B 399 26.10 8.64 -4.22
CA GLY B 399 26.16 7.21 -4.51
C GLY B 399 27.56 6.66 -4.39
N ILE B 400 27.82 5.53 -5.06
CA ILE B 400 29.07 4.81 -4.85
C ILE B 400 29.96 4.84 -6.10
N GLU B 401 29.74 5.83 -6.98
CA GLU B 401 30.64 5.98 -8.11
C GLU B 401 32.03 6.40 -7.62
N ASP B 402 32.99 6.44 -8.53
CA ASP B 402 34.29 7.01 -8.24
C ASP B 402 34.13 8.48 -7.88
N VAL B 403 34.64 8.88 -6.71
CA VAL B 403 34.36 10.22 -6.20
C VAL B 403 34.95 11.28 -7.12
N ASN B 404 36.00 10.93 -7.88
CA ASN B 404 36.62 11.91 -8.77
C ASN B 404 35.73 12.21 -9.97
N ASP B 405 35.01 11.20 -10.48
CA ASP B 405 33.98 11.47 -11.49
C ASP B 405 32.89 12.39 -10.93
N LEU B 406 32.46 12.14 -9.69
CA LEU B 406 31.40 12.96 -9.11
C LEU B 406 31.83 14.41 -8.95
N ILE B 407 33.04 14.62 -8.40
CA ILE B 407 33.56 15.98 -8.22
C ILE B 407 33.79 16.66 -9.57
N ASP B 408 34.42 15.96 -10.54
CA ASP B 408 34.56 16.48 -11.89
C ASP B 408 33.24 17.02 -12.43
N GLY B 409 32.18 16.23 -12.30
CA GLY B 409 30.87 16.66 -12.80
C GLY B 409 30.36 17.90 -12.09
N LEU B 410 30.46 17.92 -10.76
CA LEU B 410 30.04 19.11 -10.02
C LEU B 410 30.86 20.34 -10.41
N ASP B 411 32.17 20.16 -10.58
CA ASP B 411 33.04 21.30 -10.90
C ASP B 411 32.70 21.87 -12.28
N TYR B 412 32.44 20.99 -13.25
CA TYR B 412 31.96 21.45 -14.55
C TYR B 412 30.65 22.23 -14.41
N ALA B 413 29.66 21.66 -13.73
CA ALA B 413 28.38 22.34 -13.59
C ALA B 413 28.52 23.69 -12.88
N LEU B 414 29.36 23.74 -11.84
CA LEU B 414 29.59 25.00 -11.13
C LEU B 414 30.26 26.03 -12.04
N SER B 415 31.17 25.59 -12.90
CA SER B 415 31.80 26.52 -13.82
C SER B 415 30.79 27.08 -14.81
N LYS B 416 29.77 26.28 -15.20
CA LYS B 416 28.72 26.78 -16.07
C LYS B 416 27.71 27.67 -15.34
N ALA B 417 27.59 27.54 -14.02
CA ALA B 417 26.52 28.23 -13.29
C ALA B 417 26.63 29.74 -13.38
#